data_6S4F
#
_entry.id   6S4F
#
_cell.length_a   116.895
_cell.length_b   116.895
_cell.length_c   112.965
_cell.angle_alpha   90.00
_cell.angle_beta   90.00
_cell.angle_gamma   120.00
#
_symmetry.space_group_name_H-M   'P 65'
#
loop_
_entity.id
_entity.type
_entity.pdbx_description
1 polymer 'Bifunctional methylenetetrahydrofolate dehydrogenase/cyclohydrolase, mitochondrial'
2 non-polymer '(E,4S)-4-[[5-[2-[2,6-bis(azanyl)-4-oxidanylidene-1H-pyrimidin-5-yl]ethanoylamino]-3-fluoranyl-pyridin-2-yl]carbonylamino]pent-2-enedioic acid'
3 non-polymer 'PHOSPHATE ION'
4 non-polymer "ADENOSINE-5'-DIPHOSPHATE"
5 non-polymer GLYCEROL
6 water water
#
_entity_poly.entity_id   1
_entity_poly.type   'polypeptide(L)'
_entity_poly.pdbx_seq_one_letter_code
;MEAVVISGRKLAQQIKQEVRQEVEEWVASGNKRPHLSVILVGENPASHSYVLNKTRAAAVVGINSETIMKPASISEEELL
NLINKLNNDDNVDGLLVQLPLPEHIDERRICNAVSPDKDVDGFHVINVGRMCLDQYSMLPATPWGVWEIIKRTGIPTLGK
NVVVAGRSKNVGMPIAMLLHTDGAHERPGGDATVTISHRYTPKEQLKKHTILADIVISAAGIPNLITADMIKEGAAVIDV
GINRVHDPVTAKPKLVGDVDFEGVRQKAGYITPVPGGVGPMTVAMLMKNTIIAAKKVLRLEEREVLKSKELGVATN
;
_entity_poly.pdbx_strand_id   A,B
#
loop_
_chem_comp.id
_chem_comp.type
_chem_comp.name
_chem_comp.formula
ADP non-polymer ADENOSINE-5'-DIPHOSPHATE 'C10 H15 N5 O10 P2'
GOL non-polymer GLYCEROL 'C3 H8 O3'
KUN non-polymer '(E,4S)-4-[[5-[2-[2,6-bis(azanyl)-4-oxidanylidene-1H-pyrimidin-5-yl]ethanoylamino]-3-fluoranyl-pyridin-2-yl]carbonylamino]pent-2-enedioic acid' 'C17 H18 F N7 O7'
PO4 non-polymer 'PHOSPHATE ION' 'O4 P -3'
#
# COMPACT_ATOMS: atom_id res chain seq x y z
N GLU A 2 -25.58 26.45 -1.92
CA GLU A 2 -25.55 24.97 -1.96
C GLU A 2 -24.29 24.42 -2.68
N ALA A 3 -24.10 23.10 -2.57
CA ALA A 3 -22.91 22.41 -3.12
C ALA A 3 -22.95 22.34 -4.64
N VAL A 4 -21.79 22.48 -5.28
CA VAL A 4 -21.67 22.25 -6.73
C VAL A 4 -21.76 20.75 -6.99
N VAL A 5 -22.78 20.32 -7.73
CA VAL A 5 -22.99 18.91 -8.00
C VAL A 5 -22.17 18.53 -9.21
N ILE A 6 -21.18 17.65 -9.01
CA ILE A 6 -20.26 17.28 -10.07
C ILE A 6 -20.92 16.23 -10.95
N SER A 7 -20.91 16.46 -12.26
CA SER A 7 -21.47 15.54 -13.22
C SER A 7 -20.39 14.58 -13.71
N GLY A 8 -20.43 13.36 -13.22
CA GLY A 8 -19.56 12.31 -13.70
C GLY A 8 -19.90 11.91 -15.12
N ARG A 9 -21.19 11.96 -15.46
CA ARG A 9 -21.66 11.79 -16.85
C ARG A 9 -20.93 12.71 -17.83
N LYS A 10 -20.82 13.98 -17.47
CA LYS A 10 -20.16 14.96 -18.32
C LYS A 10 -18.61 14.82 -18.38
N LEU A 11 -17.96 14.57 -17.23
CA LEU A 11 -16.50 14.38 -17.22
C LEU A 11 -16.11 13.12 -18.01
N ALA A 12 -16.88 12.06 -17.80
CA ALA A 12 -16.70 10.84 -18.54
C ALA A 12 -16.79 11.02 -20.06
N GLN A 13 -17.73 11.88 -20.49
CA GLN A 13 -17.87 12.29 -21.91
C GLN A 13 -16.57 12.89 -22.43
N GLN A 14 -15.99 13.75 -21.62
CA GLN A 14 -14.76 14.43 -21.98
C GLN A 14 -13.64 13.41 -22.18
N ILE A 15 -13.50 12.51 -21.21
CA ILE A 15 -12.45 11.51 -21.22
C ILE A 15 -12.58 10.54 -22.39
N LYS A 16 -13.80 10.14 -22.65
CA LYS A 16 -14.09 9.28 -23.78
C LYS A 16 -13.81 9.96 -25.13
N GLN A 17 -14.07 11.27 -25.24
CA GLN A 17 -13.63 12.03 -26.42
C GLN A 17 -12.09 12.05 -26.56
N GLU A 18 -11.38 12.26 -25.46
CA GLU A 18 -9.91 12.13 -25.48
C GLU A 18 -9.50 10.74 -26.03
N VAL A 19 -10.12 9.68 -25.52
CA VAL A 19 -9.75 8.34 -25.97
C VAL A 19 -10.11 8.14 -27.44
N ARG A 20 -11.27 8.63 -27.85
CA ARG A 20 -11.68 8.52 -29.26
C ARG A 20 -10.62 9.11 -30.19
N GLN A 21 -10.14 10.30 -29.86
CA GLN A 21 -9.10 10.99 -30.64
C GLN A 21 -7.82 10.20 -30.65
N GLU A 22 -7.36 9.81 -29.46
CA GLU A 22 -6.13 8.99 -29.31
C GLU A 22 -6.21 7.70 -30.14
N VAL A 23 -7.39 7.08 -30.16
CA VAL A 23 -7.54 5.78 -30.84
C VAL A 23 -7.49 6.00 -32.35
N GLU A 24 -8.21 7.02 -32.80
CA GLU A 24 -8.20 7.44 -34.19
C GLU A 24 -6.80 7.84 -34.71
N GLU A 25 -6.03 8.68 -34.01
CA GLU A 25 -4.60 8.91 -34.43
C GLU A 25 -3.86 7.59 -34.55
N TRP A 26 -4.01 6.73 -33.55
CA TRP A 26 -3.32 5.44 -33.52
C TRP A 26 -3.67 4.55 -34.75
N VAL A 27 -4.94 4.33 -35.00
CA VAL A 27 -5.36 3.55 -36.16
C VAL A 27 -4.94 4.28 -37.45
N ALA A 28 -5.15 5.59 -37.49
CA ALA A 28 -4.80 6.38 -38.68
C ALA A 28 -3.35 6.20 -39.05
N SER A 29 -2.47 6.03 -38.07
CA SER A 29 -1.07 5.97 -38.36
C SER A 29 -0.57 4.54 -38.48
N GLY A 30 -1.41 3.60 -38.92
CA GLY A 30 -0.95 2.24 -39.27
C GLY A 30 -1.45 1.12 -38.39
N ASN A 31 -1.74 1.42 -37.13
CA ASN A 31 -1.83 0.38 -36.10
C ASN A 31 -3.14 -0.36 -36.04
N LYS A 32 -3.05 -1.56 -35.49
CA LYS A 32 -4.23 -2.39 -35.20
C LYS A 32 -5.20 -1.63 -34.31
N ARG A 33 -6.48 -1.75 -34.63
CA ARG A 33 -7.50 -1.15 -33.80
C ARG A 33 -7.50 -1.87 -32.40
N PRO A 34 -7.55 -1.10 -31.30
CA PRO A 34 -7.57 -1.82 -30.04
C PRO A 34 -8.74 -2.76 -29.86
N HIS A 35 -8.50 -3.87 -29.17
CA HIS A 35 -9.53 -4.80 -28.78
C HIS A 35 -9.53 -5.14 -27.26
N LEU A 36 -10.73 -5.04 -26.66
CA LEU A 36 -11.02 -5.38 -25.29
C LEU A 36 -11.89 -6.62 -25.22
N SER A 37 -11.40 -7.69 -24.59
CA SER A 37 -12.22 -8.88 -24.31
C SER A 37 -12.67 -8.88 -22.85
N VAL A 38 -13.96 -9.08 -22.63
CA VAL A 38 -14.53 -9.11 -21.28
C VAL A 38 -15.10 -10.52 -20.99
N ILE A 39 -14.75 -11.08 -19.83
CA ILE A 39 -15.30 -12.34 -19.40
C ILE A 39 -16.32 -12.08 -18.31
N LEU A 40 -17.53 -12.57 -18.54
CA LEU A 40 -18.60 -12.47 -17.58
C LEU A 40 -19.08 -13.87 -17.17
N VAL A 41 -19.18 -14.12 -15.86
CA VAL A 41 -19.58 -15.42 -15.34
C VAL A 41 -20.82 -15.24 -14.55
N GLY A 42 -21.84 -16.06 -14.84
CA GLY A 42 -23.10 -16.02 -14.08
C GLY A 42 -24.03 -14.88 -14.39
N GLU A 43 -25.01 -14.68 -13.52
CA GLU A 43 -26.16 -13.84 -13.80
C GLU A 43 -26.43 -12.68 -12.83
N ASN A 44 -25.40 -12.21 -12.13
CA ASN A 44 -25.53 -11.01 -11.27
C ASN A 44 -26.00 -9.85 -12.15
N PRO A 45 -27.19 -9.28 -11.89
CA PRO A 45 -27.72 -8.22 -12.76
C PRO A 45 -26.87 -6.94 -12.81
N ALA A 46 -26.21 -6.59 -11.71
CA ALA A 46 -25.24 -5.50 -11.70
C ALA A 46 -24.06 -5.79 -12.65
N SER A 47 -23.47 -6.98 -12.53
CA SER A 47 -22.40 -7.38 -13.45
C SER A 47 -22.79 -7.26 -14.94
N HIS A 48 -23.98 -7.72 -15.29
CA HIS A 48 -24.47 -7.70 -16.68
C HIS A 48 -24.69 -6.30 -17.18
N SER A 49 -25.24 -5.45 -16.33
CA SER A 49 -25.50 -4.08 -16.67
C SER A 49 -24.17 -3.32 -16.86
N TYR A 50 -23.22 -3.56 -15.95
CA TYR A 50 -21.92 -2.92 -15.97
C TYR A 50 -21.03 -3.33 -17.13
N VAL A 51 -21.06 -4.62 -17.48
CA VAL A 51 -20.32 -5.13 -18.65
C VAL A 51 -20.89 -4.57 -19.97
N LEU A 52 -22.21 -4.39 -20.03
CA LEU A 52 -22.86 -3.73 -21.18
C LEU A 52 -22.42 -2.28 -21.28
N ASN A 53 -22.42 -1.55 -20.18
CA ASN A 53 -21.93 -0.18 -20.20
C ASN A 53 -20.49 -0.09 -20.70
N LYS A 54 -19.65 -1.05 -20.33
CA LYS A 54 -18.24 -1.02 -20.70
C LYS A 54 -18.02 -1.22 -22.22
N THR A 55 -18.73 -2.19 -22.79
CA THR A 55 -18.59 -2.53 -24.21
C THR A 55 -19.27 -1.49 -25.13
N ARG A 56 -20.39 -0.92 -24.70
CA ARG A 56 -20.91 0.24 -25.38
C ARG A 56 -19.90 1.38 -25.48
N ALA A 57 -19.28 1.72 -24.33
CA ALA A 57 -18.29 2.81 -24.33
C ALA A 57 -17.10 2.46 -25.26
N ALA A 58 -16.65 1.20 -25.19
CA ALA A 58 -15.66 0.74 -26.12
C ALA A 58 -16.06 1.05 -27.59
N ALA A 59 -17.26 0.69 -27.97
CA ALA A 59 -17.75 0.86 -29.34
C ALA A 59 -17.71 2.33 -29.75
N VAL A 60 -18.16 3.23 -28.87
CA VAL A 60 -18.23 4.65 -29.23
C VAL A 60 -16.91 5.40 -29.23
N VAL A 61 -15.86 4.84 -28.61
CA VAL A 61 -14.50 5.44 -28.73
C VAL A 61 -13.67 4.69 -29.74
N GLY A 62 -14.26 3.74 -30.44
CA GLY A 62 -13.59 3.04 -31.52
C GLY A 62 -12.78 1.84 -31.10
N ILE A 63 -13.12 1.24 -29.96
CA ILE A 63 -12.40 0.09 -29.46
C ILE A 63 -13.29 -1.10 -29.71
N ASN A 64 -12.75 -2.10 -30.38
CA ASN A 64 -13.44 -3.36 -30.61
C ASN A 64 -13.62 -4.09 -29.28
N SER A 65 -14.80 -4.71 -29.10
CA SER A 65 -15.07 -5.52 -27.93
C SER A 65 -15.77 -6.82 -28.22
N GLU A 66 -15.59 -7.75 -27.29
CA GLU A 66 -16.47 -8.89 -27.11
C GLU A 66 -16.60 -9.21 -25.63
N THR A 67 -17.82 -9.51 -25.23
CA THR A 67 -18.07 -10.16 -24.00
C THR A 67 -18.27 -11.67 -24.16
N ILE A 68 -17.43 -12.43 -23.44
CA ILE A 68 -17.61 -13.87 -23.32
C ILE A 68 -18.36 -14.23 -22.02
N MET A 69 -19.64 -14.57 -22.16
CA MET A 69 -20.47 -14.97 -21.06
C MET A 69 -20.41 -16.49 -20.81
N LYS A 70 -20.19 -16.87 -19.55
CA LYS A 70 -20.09 -18.27 -19.11
C LYS A 70 -21.07 -18.51 -18.00
N PRO A 71 -21.56 -19.76 -17.85
CA PRO A 71 -22.45 -20.07 -16.70
C PRO A 71 -21.66 -20.10 -15.38
N ALA A 72 -22.33 -19.72 -14.29
CA ALA A 72 -21.73 -19.80 -12.93
C ALA A 72 -21.03 -21.13 -12.64
N SER A 73 -21.64 -22.20 -13.12
CA SER A 73 -21.14 -23.57 -12.99
C SER A 73 -19.75 -23.79 -13.53
N ILE A 74 -19.23 -22.86 -14.33
CA ILE A 74 -17.86 -23.01 -14.86
C ILE A 74 -16.85 -23.27 -13.72
N SER A 75 -15.86 -24.10 -14.02
CA SER A 75 -14.87 -24.49 -13.05
C SER A 75 -13.74 -23.52 -13.17
N GLU A 76 -12.92 -23.50 -12.12
CA GLU A 76 -11.73 -22.67 -12.08
C GLU A 76 -10.73 -23.02 -13.19
N GLU A 77 -10.59 -24.29 -13.54
CA GLU A 77 -9.67 -24.71 -14.59
C GLU A 77 -10.09 -24.23 -15.97
N GLU A 78 -11.39 -24.34 -16.26
CA GLU A 78 -11.97 -23.82 -17.51
C GLU A 78 -11.67 -22.33 -17.67
N LEU A 79 -12.03 -21.56 -16.64
CA LEU A 79 -11.85 -20.12 -16.64
C LEU A 79 -10.41 -19.74 -16.87
N LEU A 80 -9.48 -20.46 -16.23
CA LEU A 80 -8.05 -20.24 -16.46
C LEU A 80 -7.62 -20.61 -17.85
N ASN A 81 -8.28 -21.62 -18.44
CA ASN A 81 -8.01 -22.03 -19.83
C ASN A 81 -8.40 -20.93 -20.83
N LEU A 82 -9.61 -20.44 -20.68
CA LEU A 82 -10.07 -19.31 -21.41
C LEU A 82 -9.10 -18.12 -21.29
N ILE A 83 -8.75 -17.75 -20.05
CA ILE A 83 -7.80 -16.63 -19.81
C ILE A 83 -6.49 -16.83 -20.53
N ASN A 84 -5.93 -18.04 -20.40
CA ASN A 84 -4.67 -18.41 -21.07
C ASN A 84 -4.77 -18.27 -22.61
N LYS A 85 -5.92 -18.63 -23.16
CA LYS A 85 -6.16 -18.51 -24.60
C LYS A 85 -6.15 -17.04 -24.94
N LEU A 86 -6.91 -16.24 -24.19
CA LEU A 86 -6.97 -14.80 -24.43
C LEU A 86 -5.65 -14.09 -24.21
N ASN A 87 -4.85 -14.54 -23.24
CA ASN A 87 -3.50 -13.95 -23.04
C ASN A 87 -2.60 -14.15 -24.25
N ASN A 88 -2.79 -15.25 -24.97
CA ASN A 88 -2.03 -15.55 -26.19
C ASN A 88 -2.61 -15.00 -27.49
N ASP A 89 -3.87 -14.61 -27.51
CA ASP A 89 -4.50 -14.03 -28.70
C ASP A 89 -4.00 -12.61 -28.88
N ASP A 90 -3.12 -12.40 -29.86
CA ASP A 90 -2.56 -11.07 -30.15
C ASP A 90 -3.53 -10.05 -30.71
N ASN A 91 -4.72 -10.47 -31.10
CA ASN A 91 -5.81 -9.55 -31.34
C ASN A 91 -6.32 -8.86 -30.04
N VAL A 92 -6.08 -9.49 -28.89
CA VAL A 92 -6.60 -9.01 -27.61
C VAL A 92 -5.58 -8.14 -26.94
N ASP A 93 -5.96 -6.89 -26.67
CA ASP A 93 -5.07 -5.94 -25.99
C ASP A 93 -5.33 -5.87 -24.47
N GLY A 94 -6.60 -5.85 -24.12
CA GLY A 94 -7.07 -5.75 -22.77
C GLY A 94 -7.98 -6.95 -22.55
N LEU A 95 -7.92 -7.46 -21.34
CA LEU A 95 -8.70 -8.59 -20.90
C LEU A 95 -9.16 -8.28 -19.49
N LEU A 96 -10.46 -8.37 -19.25
CA LEU A 96 -10.97 -8.16 -17.92
C LEU A 96 -11.99 -9.24 -17.56
N VAL A 97 -11.96 -9.68 -16.31
CA VAL A 97 -12.90 -10.61 -15.74
C VAL A 97 -13.71 -9.85 -14.71
N GLN A 98 -14.99 -9.68 -14.99
CA GLN A 98 -15.90 -8.97 -14.13
C GLN A 98 -16.07 -9.74 -12.81
N LEU A 99 -16.13 -9.00 -11.72
CA LEU A 99 -16.29 -9.53 -10.35
C LEU A 99 -17.69 -9.13 -9.86
N PRO A 100 -18.28 -9.88 -8.92
CA PRO A 100 -17.65 -11.01 -8.21
C PRO A 100 -17.80 -12.27 -8.98
N LEU A 101 -16.89 -13.21 -8.77
CA LEU A 101 -16.94 -14.53 -9.38
C LEU A 101 -17.68 -15.48 -8.42
N PRO A 102 -18.12 -16.65 -8.89
CA PRO A 102 -18.83 -17.58 -7.97
C PRO A 102 -17.91 -18.10 -6.86
N GLU A 103 -18.51 -18.41 -5.70
CA GLU A 103 -17.73 -18.76 -4.49
C GLU A 103 -16.72 -19.88 -4.67
N HIS A 104 -16.94 -20.80 -5.60
CA HIS A 104 -15.95 -21.88 -5.83
C HIS A 104 -14.79 -21.51 -6.73
N ILE A 105 -14.72 -20.24 -7.14
CA ILE A 105 -13.56 -19.77 -7.91
C ILE A 105 -12.72 -18.84 -7.03
N ASP A 106 -11.43 -19.13 -6.96
CA ASP A 106 -10.47 -18.25 -6.29
C ASP A 106 -10.16 -16.99 -7.14
N GLU A 107 -10.82 -15.88 -6.82
CA GLU A 107 -10.62 -14.56 -7.46
C GLU A 107 -9.20 -14.10 -7.66
N ARG A 108 -8.38 -14.30 -6.65
CA ARG A 108 -6.99 -13.88 -6.66
C ARG A 108 -6.21 -14.70 -7.68
N ARG A 109 -6.55 -15.97 -7.78
CA ARG A 109 -5.91 -16.84 -8.78
C ARG A 109 -6.29 -16.38 -10.22
N ILE A 110 -7.54 -15.99 -10.40
CA ILE A 110 -8.03 -15.49 -11.66
C ILE A 110 -7.29 -14.20 -12.03
N CYS A 111 -7.33 -13.25 -11.10
CA CYS A 111 -6.62 -11.98 -11.26
C CYS A 111 -5.14 -12.11 -11.63
N ASN A 112 -4.43 -13.04 -10.99
CA ASN A 112 -3.01 -13.22 -11.29
C ASN A 112 -2.75 -13.99 -12.57
N ALA A 113 -3.77 -14.63 -13.12
CA ALA A 113 -3.66 -15.38 -14.36
C ALA A 113 -3.69 -14.48 -15.61
N VAL A 114 -4.29 -13.30 -15.50
CA VAL A 114 -4.34 -12.38 -16.64
C VAL A 114 -2.98 -11.80 -16.83
N SER A 115 -2.49 -11.81 -18.06
CA SER A 115 -1.22 -11.18 -18.37
C SER A 115 -1.21 -9.74 -17.86
N PRO A 116 -0.12 -9.35 -17.16
CA PRO A 116 -0.02 -7.98 -16.64
C PRO A 116 -0.14 -6.88 -17.72
N ASP A 117 0.37 -7.17 -18.91
CA ASP A 117 0.29 -6.25 -20.06
C ASP A 117 -1.16 -6.01 -20.50
N LYS A 118 -2.02 -7.02 -20.32
CA LYS A 118 -3.42 -6.93 -20.72
C LYS A 118 -4.36 -6.67 -19.55
N ASP A 119 -3.81 -6.58 -18.35
CA ASP A 119 -4.57 -6.38 -17.10
C ASP A 119 -5.13 -4.94 -16.96
N VAL A 120 -6.13 -4.60 -17.77
CA VAL A 120 -6.76 -3.27 -17.75
C VAL A 120 -7.48 -2.88 -16.45
N ASP A 121 -7.79 -3.86 -15.59
CA ASP A 121 -8.30 -3.57 -14.25
C ASP A 121 -7.23 -3.21 -13.23
N GLY A 122 -5.98 -3.61 -13.51
CA GLY A 122 -4.92 -3.39 -12.57
C GLY A 122 -5.00 -4.22 -11.31
N PHE A 123 -5.56 -5.44 -11.40
CA PHE A 123 -5.70 -6.33 -10.24
C PHE A 123 -4.61 -7.39 -10.12
N HIS A 124 -3.78 -7.55 -11.14
CA HIS A 124 -2.69 -8.49 -11.03
C HIS A 124 -1.72 -7.98 -9.92
N VAL A 125 -1.23 -8.92 -9.10
CA VAL A 125 -0.33 -8.62 -7.97
C VAL A 125 0.85 -7.70 -8.37
N ILE A 126 1.38 -7.87 -9.57
CA ILE A 126 2.44 -6.98 -10.05
C ILE A 126 1.97 -5.54 -10.24
N ASN A 127 0.77 -5.38 -10.78
CA ASN A 127 0.17 -4.05 -10.93
C ASN A 127 -0.09 -3.46 -9.56
N VAL A 128 -0.58 -4.26 -8.61
CA VAL A 128 -0.82 -3.77 -7.26
C VAL A 128 0.50 -3.38 -6.62
N GLY A 129 1.50 -4.24 -6.71
CA GLY A 129 2.82 -3.91 -6.16
C GLY A 129 3.40 -2.65 -6.76
N ARG A 130 3.43 -2.56 -8.07
CA ARG A 130 3.93 -1.34 -8.75
C ARG A 130 3.17 -0.07 -8.31
N MET A 131 1.85 -0.18 -8.14
CA MET A 131 1.06 0.98 -7.71
C MET A 131 1.43 1.44 -6.30
N CYS A 132 1.59 0.47 -5.40
CA CYS A 132 2.01 0.73 -4.02
C CYS A 132 3.45 1.26 -3.94
N LEU A 133 4.26 1.03 -4.98
CA LEU A 133 5.56 1.67 -5.04
C LEU A 133 5.55 2.97 -5.83
N ASP A 134 4.40 3.51 -6.20
CA ASP A 134 4.33 4.73 -7.05
C ASP A 134 5.09 4.57 -8.37
N GLN A 135 5.15 3.35 -8.88
CA GLN A 135 5.64 3.15 -10.23
C GLN A 135 4.52 3.20 -11.30
N TYR A 136 4.87 3.46 -12.57
CA TYR A 136 3.95 3.29 -13.68
C TYR A 136 3.25 1.94 -13.55
N SER A 137 1.93 1.93 -13.70
CA SER A 137 1.13 0.70 -13.61
C SER A 137 -0.23 0.86 -14.30
N MET A 138 -0.93 -0.23 -14.53
CA MET A 138 -2.33 -0.13 -14.93
C MET A 138 -3.12 0.24 -13.69
N LEU A 139 -3.59 1.49 -13.61
CA LEU A 139 -4.37 1.92 -12.44
C LEU A 139 -5.79 1.33 -12.45
N PRO A 140 -6.26 0.88 -11.31
CA PRO A 140 -7.65 0.42 -11.31
C PRO A 140 -8.68 1.53 -11.63
N ALA A 141 -9.72 1.16 -12.35
CA ALA A 141 -10.64 2.10 -13.00
C ALA A 141 -11.37 2.97 -12.01
N THR A 142 -11.97 2.38 -10.98
CA THR A 142 -12.73 3.18 -10.02
C THR A 142 -11.84 4.21 -9.29
N PRO A 143 -10.70 3.78 -8.72
CA PRO A 143 -9.78 4.74 -8.11
C PRO A 143 -9.23 5.84 -9.00
N TRP A 144 -8.89 5.49 -10.23
CA TRP A 144 -8.44 6.47 -11.19
C TRP A 144 -9.61 7.44 -11.53
N GLY A 145 -10.83 6.91 -11.69
CA GLY A 145 -12.05 7.72 -11.81
C GLY A 145 -12.22 8.76 -10.70
N VAL A 146 -12.12 8.31 -9.45
CA VAL A 146 -12.19 9.23 -8.30
C VAL A 146 -11.12 10.31 -8.41
N TRP A 147 -9.91 9.92 -8.80
CA TRP A 147 -8.82 10.85 -8.96
C TRP A 147 -9.14 11.84 -10.05
N GLU A 148 -9.56 11.35 -11.21
CA GLU A 148 -9.89 12.27 -12.30
C GLU A 148 -11.01 13.27 -11.95
N ILE A 149 -12.05 12.78 -11.25
CA ILE A 149 -13.13 13.64 -10.74
C ILE A 149 -12.57 14.78 -9.91
N ILE A 150 -11.60 14.50 -9.05
CA ILE A 150 -11.07 15.51 -8.15
C ILE A 150 -10.21 16.51 -8.91
N LYS A 151 -9.31 15.99 -9.72
CA LYS A 151 -8.35 16.83 -10.44
C LYS A 151 -8.95 17.61 -11.63
N ARG A 152 -9.91 17.04 -12.35
CA ARG A 152 -10.59 17.78 -13.41
C ARG A 152 -11.60 18.80 -12.89
N THR A 153 -12.27 18.52 -11.78
CA THR A 153 -13.01 19.54 -11.03
C THR A 153 -12.12 20.63 -10.39
N GLY A 154 -10.80 20.51 -10.45
CA GLY A 154 -9.91 21.50 -9.82
C GLY A 154 -9.80 21.50 -8.29
N ILE A 155 -10.29 20.46 -7.63
CA ILE A 155 -10.23 20.43 -6.16
C ILE A 155 -8.78 20.13 -5.74
N PRO A 156 -8.18 20.99 -4.88
CA PRO A 156 -6.78 20.72 -4.53
C PRO A 156 -6.63 19.54 -3.53
N THR A 157 -5.46 18.92 -3.51
CA THR A 157 -5.14 17.78 -2.60
C THR A 157 -3.87 17.92 -1.76
N LEU A 158 -2.86 18.59 -2.28
CA LEU A 158 -1.60 18.76 -1.60
C LEU A 158 -1.81 19.50 -0.30
N GLY A 159 -1.20 18.96 0.75
CA GLY A 159 -1.44 19.40 2.11
C GLY A 159 -2.82 19.23 2.71
N LYS A 160 -3.78 18.69 1.97
CA LYS A 160 -5.14 18.68 2.43
C LYS A 160 -5.41 17.42 3.21
N ASN A 161 -6.56 17.41 3.90
CA ASN A 161 -7.00 16.30 4.70
C ASN A 161 -8.05 15.51 3.96
N VAL A 162 -7.86 14.18 3.87
CA VAL A 162 -8.76 13.30 3.17
C VAL A 162 -9.09 12.09 4.01
N VAL A 163 -10.36 11.71 4.03
CA VAL A 163 -10.81 10.49 4.68
C VAL A 163 -11.45 9.60 3.63
N VAL A 164 -10.99 8.34 3.59
CA VAL A 164 -11.56 7.30 2.74
C VAL A 164 -12.27 6.32 3.65
N ALA A 165 -13.52 6.01 3.33
CA ALA A 165 -14.30 5.12 4.12
C ALA A 165 -14.35 3.84 3.34
N GLY A 166 -13.53 2.89 3.78
CA GLY A 166 -13.46 1.56 3.20
C GLY A 166 -12.05 1.24 2.77
N ARG A 167 -11.75 -0.04 2.78
CA ARG A 167 -10.39 -0.50 2.59
C ARG A 167 -10.32 -1.67 1.66
N SER A 168 -11.30 -1.81 0.78
CA SER A 168 -11.29 -2.93 -0.19
C SER A 168 -10.03 -2.80 -1.05
N LYS A 169 -9.51 -3.94 -1.45
CA LYS A 169 -8.29 -3.94 -2.21
C LYS A 169 -8.44 -3.34 -3.56
N ASN A 170 -9.63 -3.31 -4.18
CA ASN A 170 -9.70 -2.66 -5.50
C ASN A 170 -10.35 -1.33 -5.55
N VAL A 171 -10.74 -0.81 -4.39
CA VAL A 171 -11.35 0.52 -4.38
C VAL A 171 -10.75 1.40 -3.33
N GLY A 172 -11.07 1.14 -2.05
CA GLY A 172 -10.70 2.04 -0.98
C GLY A 172 -9.21 2.14 -0.72
N MET A 173 -8.52 0.98 -0.65
CA MET A 173 -7.07 0.97 -0.50
C MET A 173 -6.34 1.74 -1.64
N PRO A 174 -6.64 1.43 -2.90
CA PRO A 174 -5.95 2.19 -3.96
C PRO A 174 -6.29 3.65 -3.99
N ILE A 175 -7.51 4.03 -3.66
CA ILE A 175 -7.82 5.46 -3.58
C ILE A 175 -6.92 6.16 -2.53
N ALA A 176 -6.81 5.55 -1.35
CA ALA A 176 -5.95 6.08 -0.27
C ALA A 176 -4.47 6.14 -0.70
N MET A 177 -4.05 5.10 -1.43
CA MET A 177 -2.70 5.09 -1.95
C MET A 177 -2.47 6.25 -2.91
N LEU A 178 -3.38 6.46 -3.86
CA LEU A 178 -3.20 7.57 -4.82
C LEU A 178 -3.21 8.93 -4.13
N LEU A 179 -4.10 9.11 -3.18
CA LEU A 179 -4.25 10.44 -2.61
C LEU A 179 -3.11 10.87 -1.71
N HIS A 180 -2.46 9.94 -0.98
CA HIS A 180 -1.39 10.33 0.00
C HIS A 180 0.00 10.38 -0.57
N THR A 181 0.19 9.87 -1.78
CA THR A 181 1.54 9.65 -2.28
C THR A 181 2.09 10.88 -2.97
N ASP A 182 3.36 10.81 -3.30
CA ASP A 182 4.15 11.94 -3.67
C ASP A 182 3.92 12.35 -5.13
N GLY A 183 3.52 13.61 -5.34
CA GLY A 183 3.39 14.18 -6.69
C GLY A 183 4.63 14.11 -7.56
N ALA A 184 5.81 13.96 -6.96
CA ALA A 184 7.05 13.93 -7.72
C ALA A 184 7.44 12.54 -8.17
N HIS A 185 6.70 11.52 -7.78
CA HIS A 185 7.08 10.15 -8.15
C HIS A 185 6.62 9.82 -9.56
N GLU A 186 7.19 8.76 -10.09
CA GLU A 186 6.95 8.28 -11.43
C GLU A 186 5.45 8.25 -11.76
N ARG A 187 4.65 7.63 -10.89
CA ARG A 187 3.19 7.72 -10.97
C ARG A 187 2.83 8.71 -9.86
N PRO A 188 2.46 9.94 -10.24
CA PRO A 188 2.23 10.93 -9.19
C PRO A 188 1.06 10.62 -8.28
N GLY A 189 1.11 11.14 -7.07
CA GLY A 189 -0.01 11.03 -6.10
C GLY A 189 -0.40 12.44 -5.68
N GLY A 190 -1.35 12.53 -4.77
CA GLY A 190 -1.97 13.80 -4.46
C GLY A 190 -1.40 14.57 -3.28
N ASP A 191 -0.36 14.02 -2.62
CA ASP A 191 0.28 14.68 -1.47
C ASP A 191 -0.69 15.11 -0.33
N ALA A 192 -1.80 14.40 -0.16
CA ALA A 192 -2.74 14.62 0.89
C ALA A 192 -2.41 13.80 2.15
N THR A 193 -3.16 14.09 3.20
CA THR A 193 -2.97 13.54 4.51
C THR A 193 -4.19 12.69 4.61
N VAL A 194 -4.02 11.37 4.64
CA VAL A 194 -5.14 10.48 4.41
C VAL A 194 -5.37 9.58 5.60
N THR A 195 -6.65 9.47 5.95
CA THR A 195 -7.14 8.56 6.94
C THR A 195 -7.97 7.52 6.21
N ILE A 196 -7.75 6.26 6.56
CA ILE A 196 -8.52 5.15 6.06
C ILE A 196 -9.31 4.59 7.26
N SER A 197 -10.59 4.38 7.04
CA SER A 197 -11.51 3.80 8.00
C SER A 197 -12.20 2.61 7.35
N HIS A 198 -12.88 1.81 8.16
CA HIS A 198 -13.40 0.54 7.69
C HIS A 198 -14.45 0.02 8.65
N ARG A 199 -14.84 -1.24 8.48
CA ARG A 199 -15.89 -1.87 9.30
C ARG A 199 -15.69 -1.85 10.83
N TYR A 200 -14.53 -1.50 11.35
CA TYR A 200 -14.29 -1.45 12.79
C TYR A 200 -13.95 -0.08 13.25
N THR A 201 -14.12 0.92 12.41
CA THR A 201 -13.99 2.27 12.89
C THR A 201 -15.33 2.67 13.53
N PRO A 202 -15.36 2.94 14.84
CA PRO A 202 -16.62 3.43 15.42
C PRO A 202 -17.08 4.72 14.72
N LYS A 203 -18.39 4.79 14.48
CA LYS A 203 -18.99 5.86 13.72
C LYS A 203 -18.62 7.24 14.29
N GLU A 204 -18.52 7.34 15.62
CA GLU A 204 -18.13 8.63 16.21
C GLU A 204 -16.72 8.99 15.81
N GLN A 205 -15.81 8.00 15.85
CA GLN A 205 -14.41 8.21 15.45
C GLN A 205 -14.31 8.58 13.95
N LEU A 206 -15.16 7.94 13.13
CA LEU A 206 -15.25 8.32 11.73
C LEU A 206 -15.54 9.81 11.62
N LYS A 207 -16.61 10.22 12.30
CA LYS A 207 -17.05 11.62 12.31
C LYS A 207 -15.97 12.59 12.79
N LYS A 208 -15.21 12.20 13.83
CA LYS A 208 -14.11 13.04 14.32
C LYS A 208 -13.00 13.25 13.26
N HIS A 209 -12.84 12.28 12.35
CA HIS A 209 -11.91 12.43 11.23
C HIS A 209 -12.54 13.22 10.06
N THR A 210 -13.79 12.94 9.71
CA THR A 210 -14.40 13.59 8.54
C THR A 210 -14.62 15.08 8.73
N ILE A 211 -15.00 15.46 9.95
CA ILE A 211 -15.04 16.86 10.40
C ILE A 211 -13.80 17.67 10.02
N LEU A 212 -12.65 17.02 9.97
CA LEU A 212 -11.40 17.72 9.66
C LEU A 212 -11.09 17.74 8.17
N ALA A 213 -11.94 17.11 7.36
CA ALA A 213 -11.58 16.70 6.02
C ALA A 213 -12.02 17.73 4.96
N ASP A 214 -11.03 18.18 4.19
CA ASP A 214 -11.24 18.90 2.93
C ASP A 214 -11.85 18.01 1.85
N ILE A 215 -11.61 16.69 1.91
CA ILE A 215 -12.25 15.71 0.97
C ILE A 215 -12.61 14.42 1.70
N VAL A 216 -13.82 13.94 1.48
CA VAL A 216 -14.30 12.71 2.09
C VAL A 216 -14.72 11.82 0.93
N ILE A 217 -14.16 10.61 0.87
CA ILE A 217 -14.46 9.69 -0.20
C ILE A 217 -15.04 8.46 0.43
N SER A 218 -16.28 8.12 0.06
CA SER A 218 -16.96 7.00 0.67
C SER A 218 -17.11 5.79 -0.26
N ALA A 219 -16.47 4.69 0.15
CA ALA A 219 -16.38 3.48 -0.63
C ALA A 219 -16.70 2.31 0.27
N ALA A 220 -17.82 2.41 1.00
CA ALA A 220 -18.21 1.45 2.06
C ALA A 220 -19.39 0.57 1.70
N GLY A 221 -20.26 1.06 0.85
CA GLY A 221 -21.46 0.33 0.47
C GLY A 221 -22.51 0.30 1.58
N ILE A 222 -22.74 1.46 2.18
CA ILE A 222 -23.69 1.67 3.27
C ILE A 222 -24.54 2.94 3.03
N PRO A 223 -25.87 2.79 2.77
CA PRO A 223 -26.76 3.95 2.62
C PRO A 223 -26.70 4.90 3.83
N ASN A 224 -26.53 6.19 3.54
CA ASN A 224 -26.55 7.27 4.54
C ASN A 224 -25.43 7.31 5.59
N LEU A 225 -24.33 6.60 5.32
CA LEU A 225 -23.16 6.61 6.20
C LEU A 225 -22.61 8.01 6.40
N ILE A 226 -22.55 8.79 5.34
CA ILE A 226 -22.10 10.17 5.47
C ILE A 226 -23.39 11.01 5.60
N THR A 227 -23.43 11.87 6.63
CA THR A 227 -24.52 12.82 6.86
C THR A 227 -23.90 14.18 7.15
N ALA A 228 -24.66 15.26 6.93
CA ALA A 228 -24.08 16.62 6.82
C ALA A 228 -23.40 17.15 8.08
N ASP A 229 -23.72 16.55 9.23
CA ASP A 229 -23.04 16.86 10.48
C ASP A 229 -21.61 16.34 10.55
N MET A 230 -21.26 15.39 9.65
CA MET A 230 -19.92 14.77 9.53
C MET A 230 -18.99 15.58 8.64
N ILE A 231 -19.58 16.44 7.82
CA ILE A 231 -18.84 17.26 6.87
C ILE A 231 -18.56 18.63 7.47
N LYS A 232 -17.47 19.23 7.01
CA LYS A 232 -17.12 20.58 7.33
C LYS A 232 -17.50 21.43 6.09
N GLU A 233 -18.05 22.63 6.35
CA GLU A 233 -18.63 23.45 5.30
C GLU A 233 -17.64 23.71 4.16
N GLY A 234 -18.09 23.53 2.91
CA GLY A 234 -17.25 23.76 1.72
C GLY A 234 -16.41 22.57 1.24
N ALA A 235 -16.62 21.41 1.85
CA ALA A 235 -15.81 20.23 1.60
C ALA A 235 -16.33 19.41 0.41
N ALA A 236 -15.41 18.67 -0.21
CA ALA A 236 -15.69 17.82 -1.36
C ALA A 236 -16.07 16.46 -0.85
N VAL A 237 -17.21 15.96 -1.32
CA VAL A 237 -17.71 14.68 -0.89
C VAL A 237 -17.85 13.86 -2.16
N ILE A 238 -17.14 12.72 -2.23
CA ILE A 238 -17.16 11.86 -3.38
C ILE A 238 -17.73 10.54 -2.96
N ASP A 239 -18.75 10.09 -3.69
CA ASP A 239 -19.59 9.00 -3.29
C ASP A 239 -19.40 7.81 -4.25
N VAL A 240 -18.60 6.86 -3.78
CA VAL A 240 -18.21 5.73 -4.58
C VAL A 240 -19.26 4.65 -4.42
N GLY A 241 -20.05 4.72 -3.36
CA GLY A 241 -21.11 3.72 -3.14
C GLY A 241 -22.14 3.62 -4.25
N ILE A 242 -22.56 2.38 -4.56
CA ILE A 242 -23.71 2.11 -5.41
C ILE A 242 -24.57 1.03 -4.73
N ASN A 243 -25.57 1.48 -3.99
CA ASN A 243 -26.42 0.58 -3.19
C ASN A 243 -27.84 0.48 -3.75
N ARG A 244 -28.32 -0.75 -3.95
CA ARG A 244 -29.77 -1.04 -4.20
C ARG A 244 -30.65 -0.91 -2.94
N VAL A 245 -31.45 0.17 -2.83
CA VAL A 245 -32.44 0.35 -1.73
C VAL A 245 -33.76 0.98 -2.23
N HIS A 246 -34.72 1.14 -1.30
CA HIS A 246 -35.96 1.93 -1.53
C HIS A 246 -36.24 2.73 -0.28
N LEU A 255 -30.93 2.28 -6.35
CA LEU A 255 -29.63 2.96 -6.47
C LEU A 255 -29.51 4.28 -5.68
N VAL A 256 -28.75 4.24 -4.59
CA VAL A 256 -28.14 5.45 -4.04
C VAL A 256 -26.72 5.17 -3.47
N GLY A 257 -26.08 6.26 -3.05
CA GLY A 257 -24.74 6.24 -2.60
C GLY A 257 -24.56 5.82 -1.17
N ASP A 258 -23.49 6.33 -0.60
CA ASP A 258 -23.17 6.20 0.80
C ASP A 258 -23.34 7.54 1.48
N VAL A 259 -23.72 8.55 0.71
CA VAL A 259 -23.95 9.88 1.23
C VAL A 259 -25.46 10.10 1.34
N ASP A 260 -25.88 10.87 2.34
CA ASP A 260 -27.20 11.51 2.32
C ASP A 260 -27.07 12.72 1.41
N PHE A 261 -27.42 12.49 0.14
CA PHE A 261 -27.19 13.46 -0.89
C PHE A 261 -27.96 14.70 -0.53
N GLU A 262 -29.26 14.51 -0.29
CA GLU A 262 -30.19 15.63 -0.10
C GLU A 262 -29.78 16.55 1.04
N GLY A 263 -29.36 15.97 2.16
CA GLY A 263 -28.83 16.73 3.29
C GLY A 263 -27.46 17.35 3.09
N VAL A 264 -26.50 16.54 2.65
CA VAL A 264 -25.09 16.96 2.55
C VAL A 264 -24.88 18.05 1.49
N ARG A 265 -25.71 18.08 0.45
CA ARG A 265 -25.63 19.14 -0.57
C ARG A 265 -25.81 20.61 -0.10
N GLN A 266 -26.35 20.85 1.09
CA GLN A 266 -26.32 22.22 1.67
C GLN A 266 -24.95 22.56 2.17
N LYS A 267 -24.43 21.67 3.02
CA LYS A 267 -23.16 21.88 3.73
C LYS A 267 -21.93 21.81 2.81
N ALA A 268 -21.96 20.87 1.86
CA ALA A 268 -20.80 20.57 1.02
C ALA A 268 -20.47 21.70 0.06
N GLY A 269 -19.19 21.80 -0.29
CA GLY A 269 -18.73 22.63 -1.40
C GLY A 269 -19.01 21.92 -2.74
N TYR A 270 -18.54 20.66 -2.85
CA TYR A 270 -18.82 19.81 -4.02
C TYR A 270 -19.34 18.47 -3.55
N ILE A 271 -20.03 17.80 -4.47
CA ILE A 271 -20.66 16.51 -4.17
C ILE A 271 -20.89 15.76 -5.50
N THR A 272 -20.86 14.42 -5.47
CA THR A 272 -21.15 13.63 -6.64
C THR A 272 -22.45 12.89 -6.42
N PRO A 273 -23.34 12.88 -7.40
CA PRO A 273 -24.58 12.14 -7.29
C PRO A 273 -24.39 10.68 -7.52
N VAL A 274 -25.43 9.91 -7.24
CA VAL A 274 -25.47 8.49 -7.49
C VAL A 274 -26.91 8.21 -7.92
N PRO A 275 -27.19 7.85 -9.19
CA PRO A 275 -26.19 7.56 -10.23
C PRO A 275 -25.56 8.80 -10.84
N GLY A 276 -24.80 8.60 -11.91
CA GLY A 276 -24.21 9.69 -12.68
C GLY A 276 -22.95 10.33 -12.16
N GLY A 277 -22.35 9.75 -11.10
CA GLY A 277 -21.12 10.29 -10.53
C GLY A 277 -19.92 9.43 -10.90
N VAL A 278 -19.44 8.69 -9.93
CA VAL A 278 -18.19 7.97 -10.05
C VAL A 278 -18.33 6.84 -11.06
N GLY A 279 -19.49 6.20 -11.10
CA GLY A 279 -19.74 5.03 -11.97
C GLY A 279 -19.41 5.23 -13.44
N PRO A 280 -19.93 6.31 -14.07
CA PRO A 280 -19.53 6.60 -15.46
C PRO A 280 -18.05 6.89 -15.63
N MET A 281 -17.40 7.42 -14.59
CA MET A 281 -15.95 7.61 -14.61
C MET A 281 -15.17 6.30 -14.58
N THR A 282 -15.72 5.31 -13.90
CA THR A 282 -15.12 4.00 -13.85
C THR A 282 -15.01 3.45 -15.27
N VAL A 283 -16.12 3.52 -16.00
CA VAL A 283 -16.16 3.08 -17.40
C VAL A 283 -15.17 3.87 -18.30
N ALA A 284 -15.12 5.18 -18.13
CA ALA A 284 -14.23 6.03 -18.89
C ALA A 284 -12.76 5.63 -18.72
N MET A 285 -12.33 5.45 -17.47
CA MET A 285 -10.91 5.20 -17.18
C MET A 285 -10.46 3.84 -17.73
N LEU A 286 -11.40 2.89 -17.79
CA LEU A 286 -11.11 1.60 -18.40
C LEU A 286 -10.81 1.75 -19.91
N MET A 287 -11.51 2.67 -20.59
CA MET A 287 -11.21 2.97 -22.00
C MET A 287 -9.79 3.53 -22.11
N LYS A 288 -9.44 4.38 -21.15
CA LYS A 288 -8.08 4.95 -21.06
C LYS A 288 -7.05 3.81 -20.94
N ASN A 289 -7.31 2.89 -20.00
CA ASN A 289 -6.43 1.75 -19.82
C ASN A 289 -6.36 0.84 -21.03
N THR A 290 -7.44 0.74 -21.80
CA THR A 290 -7.41 -0.14 -22.95
C THR A 290 -6.46 0.41 -24.02
N ILE A 291 -6.47 1.73 -24.23
CA ILE A 291 -5.60 2.32 -25.26
C ILE A 291 -4.15 2.32 -24.82
N ILE A 292 -3.90 2.53 -23.52
CA ILE A 292 -2.55 2.35 -22.94
C ILE A 292 -2.03 0.92 -23.14
N ALA A 293 -2.89 -0.09 -23.02
CA ALA A 293 -2.47 -1.49 -23.25
C ALA A 293 -2.17 -1.74 -24.73
N ALA A 294 -3.04 -1.24 -25.60
CA ALA A 294 -2.87 -1.39 -27.05
C ALA A 294 -1.54 -0.79 -27.49
N LYS A 295 -1.17 0.35 -26.91
CA LYS A 295 0.09 1.00 -27.23
C LYS A 295 1.34 0.38 -26.64
N LYS A 296 1.20 -0.68 -25.83
CA LYS A 296 2.35 -1.42 -25.28
C LYS A 296 3.44 -0.50 -24.66
N VAL A 297 2.99 0.47 -23.87
CA VAL A 297 3.87 1.34 -23.10
C VAL A 297 4.21 0.79 -21.66
N LEU A 298 4.26 -0.53 -21.44
CA LEU A 298 4.88 -1.15 -20.24
C LEU A 298 6.18 -0.44 -19.77
N GLU B 2 3.23 9.06 34.39
CA GLU B 2 4.49 8.92 33.59
C GLU B 2 4.55 7.60 32.79
N ALA B 3 5.09 7.68 31.58
CA ALA B 3 4.97 6.62 30.56
C ALA B 3 5.78 5.36 30.84
N VAL B 4 5.15 4.18 30.75
CA VAL B 4 5.91 2.92 30.66
C VAL B 4 6.84 3.01 29.45
N VAL B 5 8.10 2.63 29.64
CA VAL B 5 9.10 2.69 28.60
C VAL B 5 9.36 1.28 28.17
N ILE B 6 9.16 1.02 26.88
CA ILE B 6 9.24 -0.32 26.32
C ILE B 6 10.65 -0.47 25.83
N SER B 7 11.35 -1.51 26.28
CA SER B 7 12.72 -1.71 25.84
C SER B 7 12.68 -2.63 24.63
N GLY B 8 13.00 -2.06 23.47
CA GLY B 8 13.08 -2.81 22.25
C GLY B 8 14.32 -3.66 22.26
N ARG B 9 15.32 -3.24 23.02
CA ARG B 9 16.49 -4.11 23.22
C ARG B 9 16.08 -5.43 23.93
N LYS B 10 15.35 -5.37 25.05
CA LYS B 10 14.95 -6.64 25.76
C LYS B 10 14.11 -7.51 24.83
N LEU B 11 13.05 -6.92 24.26
CA LEU B 11 12.15 -7.62 23.33
C LEU B 11 12.90 -8.28 22.18
N ALA B 12 13.81 -7.54 21.56
CA ALA B 12 14.64 -8.09 20.45
C ALA B 12 15.46 -9.28 20.88
N GLN B 13 15.91 -9.20 22.10
CA GLN B 13 16.70 -10.27 22.73
C GLN B 13 15.85 -11.52 23.02
N GLN B 14 14.66 -11.32 23.55
CA GLN B 14 13.75 -12.44 23.68
C GLN B 14 13.50 -13.14 22.33
N ILE B 15 13.22 -12.32 21.30
CA ILE B 15 12.87 -12.82 19.94
C ILE B 15 14.05 -13.56 19.35
N LYS B 16 15.26 -13.07 19.61
CA LYS B 16 16.47 -13.79 19.20
C LYS B 16 16.64 -15.16 19.88
N GLN B 17 16.24 -15.24 21.17
CA GLN B 17 16.23 -16.54 21.89
C GLN B 17 15.27 -17.51 21.22
N GLU B 18 14.09 -17.02 20.89
CA GLU B 18 13.14 -17.82 20.10
C GLU B 18 13.67 -18.30 18.76
N VAL B 19 14.33 -17.43 18.02
CA VAL B 19 14.89 -17.86 16.75
C VAL B 19 16.01 -18.83 16.99
N ARG B 20 16.84 -18.57 18.00
CA ARG B 20 17.91 -19.54 18.36
C ARG B 20 17.39 -21.01 18.52
N GLN B 21 16.35 -21.18 19.35
CA GLN B 21 15.74 -22.53 19.64
C GLN B 21 15.25 -23.14 18.37
N GLU B 22 14.52 -22.32 17.60
CA GLU B 22 14.00 -22.77 16.33
C GLU B 22 15.10 -23.21 15.36
N VAL B 23 16.24 -22.50 15.35
CA VAL B 23 17.34 -22.88 14.43
C VAL B 23 18.00 -24.19 14.93
N GLU B 24 18.29 -24.22 16.22
CA GLU B 24 18.77 -25.46 16.90
C GLU B 24 17.90 -26.71 16.52
N GLU B 25 16.59 -26.54 16.62
CA GLU B 25 15.63 -27.56 16.27
C GLU B 25 15.71 -27.98 14.83
N TRP B 26 15.68 -26.99 13.96
CA TRP B 26 15.71 -27.23 12.52
C TRP B 26 16.96 -28.04 12.12
N VAL B 27 18.08 -27.70 12.74
CA VAL B 27 19.37 -28.34 12.44
C VAL B 27 19.45 -29.74 13.06
N ALA B 28 19.10 -29.87 14.36
CA ALA B 28 18.99 -31.19 15.05
C ALA B 28 18.13 -32.22 14.29
N SER B 29 17.13 -31.74 13.56
CA SER B 29 16.38 -32.59 12.63
C SER B 29 17.14 -32.86 11.37
N GLY B 30 18.40 -32.41 11.30
CA GLY B 30 19.24 -32.69 10.15
C GLY B 30 18.85 -31.90 8.93
N ASN B 31 18.63 -30.62 9.13
CA ASN B 31 18.57 -29.71 8.01
C ASN B 31 19.83 -28.89 7.98
N LYS B 32 20.17 -28.47 6.77
CA LYS B 32 21.21 -27.44 6.54
C LYS B 32 21.06 -26.30 7.51
N ARG B 33 22.16 -25.84 8.06
CA ARG B 33 22.09 -24.67 8.94
C ARG B 33 21.70 -23.45 8.05
N PRO B 34 20.86 -22.53 8.58
CA PRO B 34 20.47 -21.41 7.74
C PRO B 34 21.64 -20.45 7.48
N HIS B 35 21.71 -19.93 6.25
CA HIS B 35 22.74 -18.98 5.80
C HIS B 35 22.14 -17.69 5.22
N LEU B 36 22.53 -16.57 5.81
CA LEU B 36 22.23 -15.25 5.42
C LEU B 36 23.45 -14.62 4.73
N SER B 37 23.30 -14.15 3.48
CA SER B 37 24.33 -13.28 2.81
C SER B 37 23.87 -11.81 2.77
N VAL B 38 24.73 -10.91 3.23
CA VAL B 38 24.47 -9.49 3.25
C VAL B 38 25.43 -8.79 2.28
N ILE B 39 24.90 -7.98 1.35
CA ILE B 39 25.72 -7.17 0.42
C ILE B 39 25.74 -5.71 0.86
N LEU B 40 26.94 -5.18 1.07
CA LEU B 40 27.15 -3.78 1.44
C LEU B 40 28.01 -3.06 0.36
N VAL B 41 27.49 -1.95 -0.18
CA VAL B 41 28.12 -1.19 -1.28
C VAL B 41 28.54 0.14 -0.66
N GLY B 42 29.82 0.50 -0.73
CA GLY B 42 30.24 1.80 -0.20
C GLY B 42 30.49 1.83 1.29
N GLU B 43 30.48 3.03 1.86
CA GLU B 43 31.04 3.28 3.17
C GLU B 43 30.17 4.18 4.03
N ASN B 44 28.86 4.19 3.79
CA ASN B 44 27.97 4.90 4.71
C ASN B 44 28.24 4.29 6.10
N PRO B 45 28.60 5.11 7.11
CA PRO B 45 28.94 4.51 8.40
C PRO B 45 27.75 3.85 9.11
N ALA B 46 26.58 4.50 9.09
CA ALA B 46 25.34 3.90 9.59
C ALA B 46 25.07 2.56 8.92
N SER B 47 25.27 2.47 7.62
CA SER B 47 25.09 1.22 6.95
C SER B 47 26.02 0.13 7.48
N HIS B 48 27.21 0.55 7.87
CA HIS B 48 28.22 -0.37 8.36
C HIS B 48 27.91 -0.86 9.76
N SER B 49 27.62 0.07 10.65
CA SER B 49 27.19 -0.25 11.96
C SER B 49 25.98 -1.22 11.84
N TYR B 50 24.96 -0.86 11.06
CA TYR B 50 23.74 -1.66 11.00
C TYR B 50 23.97 -3.03 10.45
N VAL B 51 24.84 -3.17 9.46
CA VAL B 51 25.16 -4.52 8.95
C VAL B 51 25.96 -5.32 9.99
N LEU B 52 26.77 -4.63 10.79
CA LEU B 52 27.55 -5.28 11.86
C LEU B 52 26.54 -5.93 12.83
N ASN B 53 25.62 -5.09 13.33
CA ASN B 53 24.53 -5.57 14.17
C ASN B 53 23.80 -6.83 13.60
N LYS B 54 23.53 -6.85 12.29
CA LYS B 54 22.78 -7.95 11.66
C LYS B 54 23.56 -9.28 11.63
N THR B 55 24.84 -9.20 11.32
CA THR B 55 25.69 -10.37 11.21
C THR B 55 26.05 -10.98 12.59
N ARG B 56 26.22 -10.12 13.59
CA ARG B 56 26.36 -10.53 14.99
C ARG B 56 25.12 -11.34 15.35
N ALA B 57 23.96 -10.73 15.15
CA ALA B 57 22.69 -11.37 15.47
C ALA B 57 22.58 -12.73 14.77
N ALA B 58 22.97 -12.81 13.52
CA ALA B 58 22.96 -14.10 12.90
C ALA B 58 23.87 -15.09 13.64
N ALA B 59 25.03 -14.61 14.10
CA ALA B 59 26.04 -15.49 14.77
C ALA B 59 25.44 -16.08 16.01
N VAL B 60 24.92 -15.21 16.86
CA VAL B 60 24.38 -15.60 18.11
C VAL B 60 23.08 -16.42 18.11
N VAL B 61 22.39 -16.52 16.97
CA VAL B 61 21.14 -17.29 16.91
C VAL B 61 21.36 -18.53 16.09
N GLY B 62 22.62 -18.77 15.72
CA GLY B 62 22.96 -19.96 14.97
C GLY B 62 22.86 -19.85 13.48
N ILE B 63 22.72 -18.63 12.95
CA ILE B 63 22.66 -18.49 11.47
C ILE B 63 24.06 -18.19 10.96
N ASN B 64 24.50 -18.95 9.96
CA ASN B 64 25.71 -18.57 9.23
C ASN B 64 25.47 -17.25 8.42
N SER B 65 26.38 -16.28 8.60
CA SER B 65 26.44 -15.04 7.83
C SER B 65 27.76 -14.81 7.07
N GLU B 66 27.67 -14.02 6.01
CA GLU B 66 28.81 -13.30 5.45
C GLU B 66 28.39 -11.89 4.99
N THR B 67 29.29 -10.92 5.09
CA THR B 67 29.10 -9.66 4.41
C THR B 67 30.05 -9.58 3.23
N ILE B 68 29.49 -9.39 2.03
CA ILE B 68 30.24 -9.05 0.83
C ILE B 68 30.22 -7.53 0.66
N MET B 69 31.37 -6.88 0.92
CA MET B 69 31.56 -5.43 0.76
C MET B 69 32.04 -5.16 -0.62
N LYS B 70 31.45 -4.17 -1.26
CA LYS B 70 31.85 -3.77 -2.60
C LYS B 70 32.10 -2.27 -2.58
N PRO B 71 33.06 -1.78 -3.39
CA PRO B 71 33.23 -0.32 -3.49
C PRO B 71 32.01 0.39 -4.13
N ALA B 72 31.74 1.61 -3.70
CA ALA B 72 30.66 2.43 -4.26
C ALA B 72 30.69 2.63 -5.78
N SER B 73 31.87 2.50 -6.40
CA SER B 73 32.07 2.66 -7.84
C SER B 73 31.59 1.51 -8.67
N ILE B 74 31.21 0.42 -8.03
CA ILE B 74 30.64 -0.74 -8.74
C ILE B 74 29.44 -0.34 -9.63
N SER B 75 29.34 -0.98 -10.79
CA SER B 75 28.22 -0.82 -11.67
C SER B 75 27.02 -1.66 -11.25
N GLU B 76 25.84 -1.15 -11.57
CA GLU B 76 24.61 -1.88 -11.44
C GLU B 76 24.71 -3.29 -12.01
N GLU B 77 25.37 -3.41 -13.17
CA GLU B 77 25.50 -4.71 -13.82
C GLU B 77 26.32 -5.67 -12.92
N GLU B 78 27.39 -5.16 -12.33
CA GLU B 78 28.26 -5.96 -11.48
C GLU B 78 27.49 -6.44 -10.24
N LEU B 79 26.74 -5.54 -9.59
CA LEU B 79 25.90 -5.88 -8.45
C LEU B 79 24.86 -6.92 -8.78
N LEU B 80 24.22 -6.79 -9.94
CA LEU B 80 23.32 -7.80 -10.42
C LEU B 80 23.94 -9.17 -10.70
N ASN B 81 25.18 -9.22 -11.16
CA ASN B 81 25.85 -10.51 -11.38
C ASN B 81 26.08 -11.24 -10.06
N LEU B 82 26.44 -10.48 -9.04
CA LEU B 82 26.58 -10.99 -7.69
C LEU B 82 25.27 -11.53 -7.17
N ILE B 83 24.23 -10.72 -7.29
CA ILE B 83 22.89 -11.14 -6.82
C ILE B 83 22.50 -12.41 -7.48
N ASN B 84 22.78 -12.52 -8.78
CA ASN B 84 22.40 -13.71 -9.47
C ASN B 84 23.18 -14.95 -9.01
N LYS B 85 24.47 -14.79 -8.70
CA LYS B 85 25.27 -15.88 -8.17
C LYS B 85 24.63 -16.42 -6.87
N LEU B 86 24.37 -15.51 -5.95
CA LEU B 86 23.74 -15.84 -4.69
C LEU B 86 22.30 -16.41 -4.81
N ASN B 87 21.45 -15.87 -5.69
CA ASN B 87 20.13 -16.51 -5.92
C ASN B 87 20.26 -17.99 -6.33
N ASN B 88 21.32 -18.33 -7.04
CA ASN B 88 21.57 -19.69 -7.55
C ASN B 88 22.35 -20.64 -6.61
N ASP B 89 22.92 -20.07 -5.56
CA ASP B 89 23.62 -20.79 -4.55
C ASP B 89 22.62 -21.40 -3.55
N ASP B 90 22.37 -22.70 -3.69
CA ASP B 90 21.40 -23.40 -2.81
C ASP B 90 21.76 -23.39 -1.32
N ASN B 91 23.01 -23.03 -1.01
CA ASN B 91 23.44 -22.77 0.36
C ASN B 91 22.93 -21.45 0.98
N VAL B 92 22.53 -20.47 0.17
CA VAL B 92 22.14 -19.15 0.68
C VAL B 92 20.63 -19.18 0.89
N ASP B 93 20.19 -18.94 2.10
CA ASP B 93 18.73 -18.96 2.35
C ASP B 93 18.11 -17.56 2.23
N GLY B 94 18.76 -16.60 2.88
CA GLY B 94 18.43 -15.19 2.79
C GLY B 94 19.56 -14.39 2.13
N LEU B 95 19.14 -13.37 1.39
CA LEU B 95 19.99 -12.46 0.67
C LEU B 95 19.42 -11.07 0.86
N LEU B 96 20.19 -10.17 1.50
CA LEU B 96 19.85 -8.77 1.58
C LEU B 96 20.91 -7.79 1.04
N VAL B 97 20.47 -6.68 0.45
CA VAL B 97 21.38 -5.59 0.03
C VAL B 97 21.07 -4.40 0.90
N GLN B 98 22.05 -3.98 1.70
CA GLN B 98 21.84 -2.85 2.59
C GLN B 98 21.64 -1.56 1.78
N LEU B 99 20.70 -0.72 2.24
CA LEU B 99 20.32 0.50 1.57
C LEU B 99 20.77 1.64 2.45
N PRO B 100 21.04 2.83 1.89
CA PRO B 100 20.87 3.15 0.48
C PRO B 100 22.04 2.68 -0.35
N LEU B 101 21.77 2.56 -1.66
CA LEU B 101 22.75 2.28 -2.69
C LEU B 101 23.21 3.60 -3.35
N PRO B 102 24.40 3.64 -3.99
CA PRO B 102 24.81 4.91 -4.65
C PRO B 102 23.84 5.29 -5.79
N GLU B 103 23.80 6.57 -6.17
CA GLU B 103 22.80 7.07 -7.20
C GLU B 103 22.84 6.44 -8.60
N HIS B 104 24.02 5.99 -9.06
CA HIS B 104 24.11 5.24 -10.34
C HIS B 104 23.53 3.87 -10.29
N ILE B 105 23.12 3.38 -9.11
CA ILE B 105 22.46 2.07 -9.02
C ILE B 105 20.96 2.25 -8.68
N ASP B 106 20.10 1.67 -9.47
CA ASP B 106 18.66 1.77 -9.24
C ASP B 106 18.21 0.72 -8.22
N GLU B 107 17.78 1.19 -7.06
CA GLU B 107 17.39 0.33 -5.92
C GLU B 107 16.28 -0.64 -6.23
N ARG B 108 15.30 -0.15 -6.99
CA ARG B 108 14.14 -0.92 -7.37
C ARG B 108 14.54 -2.08 -8.26
N ARG B 109 15.43 -1.83 -9.21
CA ARG B 109 15.91 -2.95 -10.04
C ARG B 109 16.71 -3.98 -9.19
N ILE B 110 17.48 -3.52 -8.21
CA ILE B 110 18.24 -4.38 -7.32
C ILE B 110 17.30 -5.20 -6.45
N CYS B 111 16.36 -4.52 -5.78
CA CYS B 111 15.35 -5.18 -4.91
C CYS B 111 14.55 -6.26 -5.64
N ASN B 112 14.26 -6.00 -6.91
CA ASN B 112 13.53 -6.97 -7.75
C ASN B 112 14.42 -8.05 -8.32
N ALA B 113 15.74 -7.91 -8.26
CA ALA B 113 16.68 -8.94 -8.76
C ALA B 113 16.84 -10.11 -7.76
N VAL B 114 16.70 -9.81 -6.47
CA VAL B 114 16.79 -10.80 -5.40
C VAL B 114 15.62 -11.71 -5.50
N SER B 115 15.88 -13.00 -5.43
CA SER B 115 14.85 -14.04 -5.51
C SER B 115 13.80 -13.84 -4.42
N PRO B 116 12.49 -13.80 -4.79
CA PRO B 116 11.46 -13.51 -3.77
C PRO B 116 11.50 -14.42 -2.58
N ASP B 117 11.88 -15.67 -2.77
CA ASP B 117 11.97 -16.57 -1.61
C ASP B 117 13.26 -16.45 -0.79
N LYS B 118 14.27 -15.73 -1.28
CA LYS B 118 15.38 -15.29 -0.42
C LYS B 118 15.30 -13.86 0.05
N ASP B 119 14.19 -13.18 -0.26
CA ASP B 119 14.03 -11.74 -0.05
C ASP B 119 13.64 -11.45 1.39
N VAL B 120 14.60 -11.56 2.30
CA VAL B 120 14.33 -11.40 3.71
C VAL B 120 14.00 -9.96 4.12
N ASP B 121 14.25 -9.00 3.22
CA ASP B 121 13.82 -7.61 3.45
C ASP B 121 12.37 -7.37 3.12
N GLY B 122 11.79 -8.23 2.30
CA GLY B 122 10.46 -8.01 1.75
C GLY B 122 10.32 -6.89 0.75
N PHE B 123 11.39 -6.53 0.06
CA PHE B 123 11.40 -5.36 -0.82
C PHE B 123 11.08 -5.70 -2.28
N HIS B 124 11.07 -6.98 -2.63
CA HIS B 124 10.75 -7.37 -4.01
C HIS B 124 9.28 -7.02 -4.28
N VAL B 125 9.00 -6.54 -5.48
CA VAL B 125 7.65 -6.06 -5.85
C VAL B 125 6.55 -7.09 -5.62
N ILE B 126 6.86 -8.37 -5.78
CA ILE B 126 5.89 -9.45 -5.45
C ILE B 126 5.57 -9.52 -3.96
N ASN B 127 6.59 -9.39 -3.12
CA ASN B 127 6.35 -9.31 -1.69
C ASN B 127 5.57 -8.07 -1.29
N VAL B 128 5.81 -6.96 -1.99
CA VAL B 128 5.09 -5.71 -1.68
C VAL B 128 3.63 -5.89 -2.11
N GLY B 129 3.41 -6.46 -3.30
CA GLY B 129 2.07 -6.65 -3.82
C GLY B 129 1.27 -7.57 -2.90
N ARG B 130 1.88 -8.68 -2.53
CA ARG B 130 1.24 -9.67 -1.65
C ARG B 130 0.87 -9.05 -0.29
N MET B 131 1.78 -8.26 0.28
CA MET B 131 1.52 -7.60 1.54
C MET B 131 0.37 -6.62 1.45
N CYS B 132 0.33 -5.86 0.37
CA CYS B 132 -0.75 -4.94 0.12
C CYS B 132 -2.11 -5.61 -0.15
N LEU B 133 -2.08 -6.88 -0.54
CA LEU B 133 -3.27 -7.65 -0.64
C LEU B 133 -3.54 -8.54 0.59
N ASP B 134 -2.85 -8.35 1.70
CA ASP B 134 -3.04 -9.16 2.90
C ASP B 134 -2.77 -10.67 2.72
N GLN B 135 -1.92 -11.04 1.77
CA GLN B 135 -1.52 -12.40 1.61
C GLN B 135 -0.24 -12.64 2.41
N TYR B 136 0.12 -13.90 2.59
CA TYR B 136 1.39 -14.24 3.23
C TYR B 136 2.49 -13.68 2.39
N SER B 137 3.50 -13.14 3.03
CA SER B 137 4.62 -12.51 2.34
C SER B 137 5.80 -12.43 3.30
N MET B 138 7.00 -12.24 2.76
CA MET B 138 8.14 -11.80 3.57
C MET B 138 7.84 -10.39 3.95
N LEU B 139 7.54 -10.19 5.22
CA LEU B 139 7.29 -8.86 5.77
C LEU B 139 8.58 -8.09 6.02
N PRO B 140 8.53 -6.76 5.81
CA PRO B 140 9.74 -6.00 6.04
C PRO B 140 10.01 -5.80 7.53
N ALA B 141 11.31 -5.80 7.82
CA ALA B 141 11.78 -5.97 9.18
C ALA B 141 11.40 -4.80 10.09
N THR B 142 11.59 -3.58 9.63
CA THR B 142 11.27 -2.45 10.49
C THR B 142 9.77 -2.42 10.79
N PRO B 143 8.91 -2.46 9.76
CA PRO B 143 7.45 -2.48 10.03
C PRO B 143 6.98 -3.66 10.90
N TRP B 144 7.50 -4.85 10.65
CA TRP B 144 7.14 -6.01 11.48
C TRP B 144 7.62 -5.87 12.94
N GLY B 145 8.81 -5.34 13.12
CA GLY B 145 9.30 -4.90 14.44
C GLY B 145 8.37 -3.93 15.16
N VAL B 146 7.86 -2.93 14.44
CA VAL B 146 6.89 -2.02 15.04
C VAL B 146 5.64 -2.79 15.48
N TRP B 147 5.18 -3.69 14.61
CA TRP B 147 4.04 -4.50 14.93
C TRP B 147 4.28 -5.39 16.18
N GLU B 148 5.39 -6.13 16.23
CA GLU B 148 5.73 -6.92 17.43
C GLU B 148 5.81 -6.11 18.76
N ILE B 149 6.34 -4.89 18.71
CA ILE B 149 6.38 -4.03 19.89
C ILE B 149 4.98 -3.74 20.38
N ILE B 150 4.09 -3.41 19.46
CA ILE B 150 2.71 -3.17 19.84
C ILE B 150 2.05 -4.46 20.37
N LYS B 151 2.20 -5.54 19.63
CA LYS B 151 1.47 -6.76 19.90
C LYS B 151 1.99 -7.41 21.20
N ARG B 152 3.30 -7.55 21.32
CA ARG B 152 3.88 -8.17 22.52
C ARG B 152 3.75 -7.34 23.82
N THR B 153 3.63 -6.02 23.72
CA THR B 153 3.27 -5.18 24.84
C THR B 153 1.76 -5.18 25.15
N GLY B 154 0.94 -5.91 24.39
CA GLY B 154 -0.51 -5.94 24.68
C GLY B 154 -1.25 -4.64 24.40
N ILE B 155 -0.70 -3.78 23.55
CA ILE B 155 -1.40 -2.54 23.21
C ILE B 155 -2.42 -2.89 22.13
N PRO B 156 -3.72 -2.60 22.36
CA PRO B 156 -4.74 -2.96 21.36
C PRO B 156 -4.79 -2.00 20.16
N THR B 157 -5.27 -2.51 19.03
CA THR B 157 -5.33 -1.76 17.75
C THR B 157 -6.71 -1.78 17.05
N LEU B 158 -7.46 -2.86 17.20
CA LEU B 158 -8.81 -2.90 16.68
C LEU B 158 -9.67 -1.72 17.12
N GLY B 159 -10.14 -0.96 16.14
CA GLY B 159 -11.04 0.14 16.38
C GLY B 159 -10.36 1.41 16.78
N LYS B 160 -9.04 1.38 16.91
CA LYS B 160 -8.29 2.48 17.53
C LYS B 160 -7.79 3.42 16.48
N ASN B 161 -7.52 4.64 16.89
CA ASN B 161 -6.95 5.60 15.99
C ASN B 161 -5.46 5.49 16.05
N VAL B 162 -4.84 5.51 14.87
CA VAL B 162 -3.39 5.43 14.73
C VAL B 162 -2.94 6.45 13.72
N VAL B 163 -1.89 7.17 14.02
CA VAL B 163 -1.29 8.07 13.06
C VAL B 163 0.14 7.63 12.80
N VAL B 164 0.53 7.60 11.51
CA VAL B 164 1.89 7.32 11.05
C VAL B 164 2.41 8.57 10.36
N ALA B 165 3.49 9.14 10.89
CA ALA B 165 4.14 10.27 10.26
C ALA B 165 5.21 9.66 9.42
N GLY B 166 4.99 9.67 8.10
CA GLY B 166 5.96 9.20 7.14
C GLY B 166 5.33 8.19 6.21
N ARG B 167 5.75 8.19 4.96
CA ARG B 167 5.13 7.41 3.89
C ARG B 167 6.17 6.70 3.02
N SER B 168 7.38 6.57 3.52
CA SER B 168 8.40 5.89 2.76
C SER B 168 7.94 4.46 2.48
N LYS B 169 8.38 3.95 1.36
CA LYS B 169 7.90 2.68 0.88
C LYS B 169 8.33 1.48 1.71
N ASN B 170 9.42 1.58 2.45
CA ASN B 170 9.76 0.47 3.34
C ASN B 170 9.63 0.70 4.81
N VAL B 171 9.10 1.83 5.24
CA VAL B 171 8.83 2.01 6.63
C VAL B 171 7.39 2.42 6.82
N GLY B 172 7.11 3.67 6.50
CA GLY B 172 5.84 4.25 6.84
C GLY B 172 4.67 3.59 6.14
N MET B 173 4.82 3.39 4.84
CA MET B 173 3.71 2.81 4.07
C MET B 173 3.36 1.37 4.58
N PRO B 174 4.34 0.46 4.68
CA PRO B 174 3.98 -0.87 5.19
C PRO B 174 3.47 -0.87 6.65
N ILE B 175 3.91 0.09 7.48
CA ILE B 175 3.37 0.21 8.86
C ILE B 175 1.89 0.56 8.80
N ALA B 176 1.54 1.53 7.97
CA ALA B 176 0.15 1.93 7.79
C ALA B 176 -0.71 0.79 7.21
N MET B 177 -0.11 -0.01 6.31
CA MET B 177 -0.79 -1.15 5.70
C MET B 177 -1.09 -2.23 6.74
N LEU B 178 -0.08 -2.60 7.54
CA LEU B 178 -0.29 -3.63 8.57
C LEU B 178 -1.33 -3.22 9.61
N LEU B 179 -1.27 -1.98 10.06
CA LEU B 179 -2.15 -1.55 11.12
C LEU B 179 -3.61 -1.37 10.73
N HIS B 180 -3.90 -1.02 9.47
CA HIS B 180 -5.32 -0.75 9.08
C HIS B 180 -6.06 -1.96 8.58
N THR B 181 -5.34 -3.05 8.28
CA THR B 181 -5.98 -4.14 7.54
C THR B 181 -6.67 -5.20 8.40
N ASP B 182 -7.43 -6.05 7.72
CA ASP B 182 -8.34 -6.97 8.34
C ASP B 182 -7.59 -8.05 9.11
N GLY B 183 -7.95 -8.18 10.38
CA GLY B 183 -7.41 -9.21 11.24
C GLY B 183 -7.80 -10.62 10.82
N ALA B 184 -8.85 -10.74 10.02
CA ALA B 184 -9.33 -12.04 9.53
C ALA B 184 -8.64 -12.53 8.27
N HIS B 185 -7.76 -11.71 7.68
CA HIS B 185 -7.14 -12.09 6.43
C HIS B 185 -5.95 -13.00 6.63
N GLU B 186 -5.58 -13.64 5.55
CA GLU B 186 -4.45 -14.57 5.49
C GLU B 186 -3.25 -14.03 6.27
N ARG B 187 -2.73 -12.86 5.90
CA ARG B 187 -1.81 -12.11 6.75
C ARG B 187 -2.66 -11.08 7.51
N PRO B 188 -2.85 -11.31 8.82
CA PRO B 188 -3.71 -10.42 9.57
C PRO B 188 -3.13 -9.04 9.82
N GLY B 189 -4.02 -8.05 9.86
CA GLY B 189 -3.72 -6.70 10.16
C GLY B 189 -4.40 -6.38 11.47
N GLY B 190 -4.31 -5.12 11.85
CA GLY B 190 -4.64 -4.67 13.19
C GLY B 190 -5.95 -3.93 13.31
N ASP B 191 -6.68 -3.78 12.19
CA ASP B 191 -8.04 -3.27 12.21
C ASP B 191 -8.16 -1.92 12.90
N ALA B 192 -7.14 -1.11 12.76
CA ALA B 192 -7.17 0.24 13.23
C ALA B 192 -7.60 1.20 12.12
N THR B 193 -7.92 2.41 12.57
CA THR B 193 -8.22 3.53 11.73
C THR B 193 -6.95 4.34 11.64
N VAL B 194 -6.38 4.40 10.44
CA VAL B 194 -5.00 4.91 10.30
C VAL B 194 -4.99 6.15 9.48
N THR B 195 -4.22 7.15 9.91
CA THR B 195 -3.93 8.36 9.18
C THR B 195 -2.47 8.31 8.79
N ILE B 196 -2.15 8.76 7.58
CA ILE B 196 -0.76 8.85 7.13
C ILE B 196 -0.46 10.30 6.81
N SER B 197 0.64 10.81 7.39
CA SER B 197 1.13 12.14 7.11
C SER B 197 2.53 12.06 6.53
N HIS B 198 3.02 13.18 6.03
CA HIS B 198 4.29 13.22 5.33
C HIS B 198 4.79 14.71 5.22
N ARG B 199 5.87 14.92 4.48
CA ARG B 199 6.46 16.22 4.32
C ARG B 199 5.53 17.40 3.93
N TYR B 200 4.30 17.14 3.45
CA TYR B 200 3.35 18.22 3.10
C TYR B 200 2.14 18.28 4.00
N THR B 201 2.13 17.46 5.03
CA THR B 201 1.12 17.59 6.03
C THR B 201 1.49 18.84 6.83
N PRO B 202 0.63 19.85 6.83
CA PRO B 202 0.96 21.00 7.67
C PRO B 202 0.99 20.61 9.16
N LYS B 203 2.05 21.01 9.87
CA LYS B 203 2.25 20.66 11.28
C LYS B 203 1.03 20.82 12.20
N GLU B 204 0.21 21.84 11.99
CA GLU B 204 -1.03 21.99 12.76
C GLU B 204 -2.04 20.87 12.48
N GLN B 205 -2.12 20.44 11.22
CA GLN B 205 -3.03 19.34 10.86
C GLN B 205 -2.51 17.98 11.38
N LEU B 206 -1.20 17.78 11.38
CA LEU B 206 -0.59 16.63 12.06
C LEU B 206 -1.09 16.56 13.51
N LYS B 207 -0.83 17.64 14.24
CA LYS B 207 -1.29 17.77 15.62
C LYS B 207 -2.79 17.48 15.77
N LYS B 208 -3.62 18.01 14.87
CA LYS B 208 -5.05 17.73 14.93
C LYS B 208 -5.40 16.22 14.83
N HIS B 209 -4.55 15.43 14.16
CA HIS B 209 -4.78 14.00 14.03
C HIS B 209 -4.13 13.19 15.17
N THR B 210 -2.91 13.54 15.57
CA THR B 210 -2.23 12.87 16.70
C THR B 210 -2.94 13.01 18.03
N ILE B 211 -3.54 14.18 18.26
CA ILE B 211 -4.36 14.43 19.45
C ILE B 211 -5.56 13.45 19.60
N LEU B 212 -6.02 12.87 18.48
CA LEU B 212 -7.08 11.84 18.52
C LEU B 212 -6.52 10.42 18.61
N ALA B 213 -5.20 10.27 18.46
CA ALA B 213 -4.54 8.98 18.27
C ALA B 213 -4.33 8.21 19.57
N ASP B 214 -4.76 6.96 19.59
CA ASP B 214 -4.38 5.99 20.61
C ASP B 214 -2.97 5.48 20.41
N ILE B 215 -2.48 5.52 19.16
CA ILE B 215 -1.09 5.14 18.81
C ILE B 215 -0.50 6.10 17.78
N VAL B 216 0.69 6.62 18.09
CA VAL B 216 1.40 7.51 17.19
C VAL B 216 2.71 6.83 16.91
N ILE B 217 3.02 6.70 15.61
CA ILE B 217 4.19 6.01 15.10
C ILE B 217 4.90 7.02 14.22
N SER B 218 6.13 7.36 14.56
CA SER B 218 6.81 8.41 13.87
C SER B 218 7.97 7.83 13.18
N ALA B 219 7.96 7.98 11.86
CA ALA B 219 8.98 7.41 11.00
C ALA B 219 9.36 8.46 9.97
N ALA B 220 9.54 9.72 10.41
CA ALA B 220 9.85 10.85 9.51
C ALA B 220 11.33 11.19 9.39
N GLY B 221 12.09 10.99 10.46
CA GLY B 221 13.47 11.45 10.49
C GLY B 221 13.60 12.95 10.81
N ILE B 222 12.82 13.41 11.78
CA ILE B 222 12.77 14.81 12.18
C ILE B 222 12.81 14.92 13.72
N PRO B 223 13.94 15.41 14.31
CA PRO B 223 14.01 15.64 15.77
C PRO B 223 12.87 16.47 16.32
N ASN B 224 12.27 16.00 17.38
CA ASN B 224 11.20 16.74 18.05
C ASN B 224 9.98 17.05 17.17
N LEU B 225 9.74 16.22 16.17
CA LEU B 225 8.47 16.26 15.44
C LEU B 225 7.31 16.11 16.42
N ILE B 226 7.43 15.18 17.35
CA ILE B 226 6.31 14.84 18.24
C ILE B 226 6.63 15.33 19.67
N THR B 227 5.73 16.14 20.22
CA THR B 227 5.86 16.82 21.51
C THR B 227 4.55 16.63 22.24
N ALA B 228 4.56 16.84 23.55
CA ALA B 228 3.53 16.32 24.43
C ALA B 228 2.15 16.96 24.28
N ASP B 229 2.13 18.19 23.79
CA ASP B 229 0.88 18.88 23.37
C ASP B 229 0.16 18.26 22.20
N MET B 230 0.88 17.47 21.40
CA MET B 230 0.33 16.71 20.26
C MET B 230 -0.24 15.34 20.66
N ILE B 231 0.31 14.77 21.72
CA ILE B 231 -0.10 13.45 22.22
C ILE B 231 -1.32 13.62 23.10
N LYS B 232 -2.11 12.56 23.23
CA LYS B 232 -3.16 12.55 24.21
C LYS B 232 -2.73 11.68 25.38
N GLU B 233 -3.34 11.93 26.53
CA GLU B 233 -3.04 11.23 27.77
C GLU B 233 -3.15 9.69 27.61
N GLY B 234 -2.08 8.97 27.97
CA GLY B 234 -2.11 7.50 27.96
C GLY B 234 -1.91 6.82 26.60
N ALA B 235 -1.63 7.59 25.56
CA ALA B 235 -1.43 7.04 24.22
C ALA B 235 -0.07 6.36 24.14
N ALA B 236 0.04 5.37 23.25
CA ALA B 236 1.33 4.72 22.99
C ALA B 236 2.01 5.47 21.88
N VAL B 237 3.32 5.66 22.03
CA VAL B 237 4.11 6.45 21.11
C VAL B 237 5.34 5.66 20.73
N ILE B 238 5.44 5.28 19.45
CA ILE B 238 6.51 4.44 18.95
C ILE B 238 7.37 5.27 18.01
N ASP B 239 8.68 5.17 18.14
CA ASP B 239 9.60 6.11 17.50
C ASP B 239 10.58 5.35 16.60
N VAL B 240 10.34 5.48 15.30
CA VAL B 240 11.09 4.74 14.31
C VAL B 240 12.31 5.55 13.88
N GLY B 241 12.27 6.87 14.02
CA GLY B 241 13.42 7.70 13.65
C GLY B 241 14.71 7.39 14.38
N ILE B 242 15.84 7.53 13.67
CA ILE B 242 17.17 7.47 14.26
C ILE B 242 17.95 8.66 13.69
N ASN B 243 17.83 9.80 14.36
CA ASN B 243 18.40 11.08 13.92
C ASN B 243 19.72 11.44 14.64
N ARG B 244 20.84 11.46 13.92
CA ARG B 244 22.17 11.92 14.45
C ARG B 244 22.25 13.44 14.58
N VAL B 245 21.99 13.96 15.78
CA VAL B 245 22.16 15.39 16.12
C VAL B 245 23.50 15.70 16.84
N HIS B 246 23.74 16.99 17.13
CA HIS B 246 24.88 17.42 17.97
C HIS B 246 24.30 18.03 19.24
N ASP B 247 24.84 17.61 20.38
CA ASP B 247 24.22 17.81 21.69
C ASP B 247 24.52 19.23 22.20
N PRO B 248 23.47 20.04 22.49
CA PRO B 248 23.70 21.44 22.89
C PRO B 248 24.82 21.62 23.90
N VAL B 249 24.77 20.89 25.02
CA VAL B 249 25.85 20.93 26.02
C VAL B 249 27.02 20.06 25.53
N THR B 250 27.96 20.72 24.82
CA THR B 250 29.24 20.17 24.27
C THR B 250 29.29 19.85 22.75
N ALA B 251 28.19 20.07 22.02
CA ALA B 251 28.08 19.67 20.59
C ALA B 251 28.63 18.25 20.33
N LYS B 252 28.34 17.34 21.26
CA LYS B 252 28.71 15.93 21.14
C LYS B 252 27.74 15.31 20.15
N PRO B 253 28.19 14.29 19.36
CA PRO B 253 27.28 13.69 18.38
C PRO B 253 26.35 12.67 19.05
N LYS B 254 25.05 12.96 19.05
CA LYS B 254 24.02 12.19 19.77
C LYS B 254 22.95 11.60 18.83
N LEU B 255 22.35 10.45 19.22
CA LEU B 255 21.16 9.89 18.54
C LEU B 255 19.90 10.27 19.31
N VAL B 256 18.99 10.97 18.63
CA VAL B 256 17.60 11.17 19.08
C VAL B 256 16.70 10.51 18.04
N GLY B 257 15.44 10.34 18.41
CA GLY B 257 14.41 9.89 17.49
C GLY B 257 13.66 11.11 17.01
N ASP B 258 12.40 10.91 16.67
CA ASP B 258 11.47 11.98 16.28
C ASP B 258 10.63 12.51 17.41
N VAL B 259 10.65 11.81 18.54
CA VAL B 259 9.83 12.19 19.68
C VAL B 259 10.71 12.96 20.66
N ASP B 260 10.17 14.02 21.25
CA ASP B 260 10.80 14.66 22.39
C ASP B 260 10.53 13.71 23.56
N PHE B 261 11.50 12.86 23.81
CA PHE B 261 11.31 11.75 24.73
C PHE B 261 10.85 12.25 26.09
N GLU B 262 11.60 13.22 26.62
CA GLU B 262 11.41 13.73 27.99
C GLU B 262 10.08 14.45 28.17
N GLY B 263 9.79 15.38 27.27
CA GLY B 263 8.45 15.97 27.25
C GLY B 263 7.32 14.95 27.13
N VAL B 264 7.48 13.96 26.24
CA VAL B 264 6.37 13.06 25.86
C VAL B 264 6.21 11.94 26.86
N ARG B 265 7.33 11.46 27.41
CA ARG B 265 7.26 10.47 28.51
C ARG B 265 6.42 10.88 29.73
N GLN B 266 6.19 12.18 29.93
CA GLN B 266 5.16 12.65 30.89
C GLN B 266 3.76 12.21 30.49
N LYS B 267 3.29 12.72 29.36
CA LYS B 267 1.87 12.62 28.97
C LYS B 267 1.47 11.24 28.44
N ALA B 268 2.39 10.56 27.76
CA ALA B 268 2.09 9.25 27.12
C ALA B 268 1.92 8.08 28.08
N GLY B 269 1.14 7.10 27.65
CA GLY B 269 0.99 5.82 28.35
C GLY B 269 2.13 4.85 28.11
N TYR B 270 2.73 4.89 26.91
CA TYR B 270 3.90 4.07 26.50
C TYR B 270 4.80 4.83 25.59
N ILE B 271 6.06 4.46 25.57
CA ILE B 271 7.00 5.15 24.72
C ILE B 271 8.15 4.21 24.46
N THR B 272 8.74 4.27 23.27
CA THR B 272 9.97 3.51 22.99
C THR B 272 11.08 4.54 23.00
N PRO B 273 12.27 4.13 23.42
CA PRO B 273 13.38 5.08 23.42
C PRO B 273 14.16 4.97 22.12
N VAL B 274 14.94 6.01 21.82
CA VAL B 274 15.95 5.93 20.80
C VAL B 274 17.25 6.41 21.45
N PRO B 275 18.32 5.63 21.45
CA PRO B 275 18.37 4.27 20.89
C PRO B 275 17.65 3.19 21.74
N GLY B 276 17.88 1.92 21.40
CA GLY B 276 17.28 0.77 22.08
C GLY B 276 15.77 0.55 22.02
N GLY B 277 15.10 1.12 21.02
CA GLY B 277 13.65 0.90 20.81
C GLY B 277 13.39 0.08 19.56
N VAL B 278 13.00 0.74 18.48
CA VAL B 278 12.65 0.04 17.25
C VAL B 278 13.87 -0.54 16.52
N GLY B 279 15.01 0.14 16.54
CA GLY B 279 16.22 -0.34 15.83
C GLY B 279 16.68 -1.80 16.06
N PRO B 280 16.79 -2.24 17.33
CA PRO B 280 17.10 -3.67 17.55
C PRO B 280 15.98 -4.60 17.15
N MET B 281 14.74 -4.16 17.24
CA MET B 281 13.61 -4.96 16.74
C MET B 281 13.73 -5.26 15.23
N THR B 282 14.22 -4.29 14.46
CA THR B 282 14.49 -4.48 13.04
C THR B 282 15.41 -5.64 12.87
N VAL B 283 16.49 -5.65 13.64
CA VAL B 283 17.47 -6.77 13.53
C VAL B 283 16.85 -8.11 13.95
N ALA B 284 16.02 -8.08 14.99
CA ALA B 284 15.35 -9.32 15.44
C ALA B 284 14.40 -9.89 14.38
N MET B 285 13.56 -9.04 13.76
CA MET B 285 12.57 -9.53 12.76
C MET B 285 13.24 -10.06 11.50
N LEU B 286 14.42 -9.55 11.18
CA LEU B 286 15.19 -10.10 10.05
C LEU B 286 15.73 -11.51 10.33
N MET B 287 16.15 -11.77 11.57
CA MET B 287 16.48 -13.16 12.01
C MET B 287 15.26 -14.13 11.81
N LYS B 288 14.09 -13.64 12.23
CA LYS B 288 12.83 -14.35 11.99
C LYS B 288 12.62 -14.64 10.51
N ASN B 289 12.82 -13.64 9.63
CA ASN B 289 12.61 -13.86 8.18
C ASN B 289 13.60 -14.84 7.58
N THR B 290 14.80 -14.89 8.14
CA THR B 290 15.87 -15.78 7.63
C THR B 290 15.52 -17.25 7.95
N ILE B 291 15.05 -17.48 9.18
CA ILE B 291 14.57 -18.84 9.52
C ILE B 291 13.34 -19.21 8.67
N ILE B 292 12.42 -18.28 8.50
CA ILE B 292 11.28 -18.51 7.62
C ILE B 292 11.78 -18.86 6.23
N ALA B 293 12.75 -18.13 5.70
CA ALA B 293 13.22 -18.39 4.35
C ALA B 293 13.93 -19.75 4.23
N ALA B 294 14.75 -20.06 5.22
CA ALA B 294 15.40 -21.37 5.32
C ALA B 294 14.40 -22.54 5.32
N LYS B 295 13.33 -22.42 6.09
CA LYS B 295 12.28 -23.45 6.10
C LYS B 295 11.40 -23.49 4.87
N LYS B 296 11.70 -22.66 3.86
CA LYS B 296 11.01 -22.60 2.58
C LYS B 296 9.49 -22.84 2.66
N VAL B 297 8.87 -22.17 3.63
CA VAL B 297 7.40 -22.23 3.84
C VAL B 297 6.55 -21.36 2.90
N LEU B 298 7.06 -20.22 2.43
CA LEU B 298 6.38 -19.43 1.36
C LEU B 298 7.01 -19.74 -0.02
N ARG B 299 6.63 -20.86 -0.62
CA ARG B 299 7.29 -21.36 -1.82
C ARG B 299 6.48 -21.00 -3.06
C13 KUN C . -20.28 0.52 -14.36
C15 KUN C . -21.05 1.44 -13.50
C17 KUN C . -19.78 0.88 -11.63
C21 KUN C . -24.10 3.81 -13.26
C22 KUN C . -25.45 3.01 -12.94
C24 KUN C . -27.20 1.06 -13.75
N01 KUN C . -13.17 -6.70 -13.01
C02 KUN C . -13.98 -5.64 -12.50
N03 KUN C . -15.14 -5.93 -11.82
C04 KUN C . -15.92 -4.91 -11.30
N05 KUN C . -16.98 -5.29 -10.63
C06 KUN C . -15.61 -3.60 -11.43
C07 KUN C . -16.43 -2.47 -10.93
C08 KUN C . -17.43 -1.87 -11.85
O09 KUN C . -17.68 -2.49 -12.88
N10 KUN C . -17.99 -0.67 -11.58
C11 KUN C . -18.96 -0.02 -12.31
C12 KUN C . -19.25 -0.21 -13.68
F14 KUN C . -20.52 0.36 -15.63
N16 KUN C . -20.74 1.57 -12.19
C18 KUN C . -22.20 2.27 -14.00
O19 KUN C . -22.41 2.21 -15.20
N20 KUN C . -22.96 2.96 -13.06
C23 KUN C . -26.06 2.17 -14.15
O25 KUN C . -26.83 -0.07 -13.32
O26 KUN C . -28.43 1.36 -13.88
C27 KUN C . -23.78 5.07 -12.28
O28 KUN C . -24.08 6.21 -12.67
O29 KUN C . -23.22 4.85 -11.19
C30 KUN C . -14.40 -3.28 -12.17
O31 KUN C . -14.01 -2.12 -12.42
N32 KUN C . -13.61 -4.33 -12.68
P PO4 D . -12.74 -5.79 4.70
O1 PO4 D . -12.49 -4.86 3.54
O2 PO4 D . -13.25 -4.93 5.85
O3 PO4 D . -13.79 -6.82 4.38
O4 PO4 D . -11.48 -6.58 4.99
P PO4 E . 8.51 10.96 0.27
O1 PO4 E . 8.00 10.77 -1.14
O2 PO4 E . 7.88 12.13 1.03
O3 PO4 E . 9.97 11.21 0.11
O4 PO4 E . 8.26 9.64 1.00
P PO4 F . 9.09 6.03 -7.73
O1 PO4 F . 8.57 7.30 -8.37
O2 PO4 F . 10.52 5.88 -8.16
O3 PO4 F . 8.34 4.80 -8.21
O4 PO4 F . 9.04 6.14 -6.22
P PO4 G . -5.16 -16.57 -2.22
O1 PO4 G . -5.39 -15.09 -1.99
O2 PO4 G . -4.90 -16.88 -3.69
O3 PO4 G . -6.43 -17.33 -1.85
O4 PO4 G . -3.95 -16.93 -1.38
P PO4 H . 12.22 -2.42 -12.63
O1 PO4 H . 12.26 -2.38 -14.14
O2 PO4 H . 12.93 -1.19 -12.08
O3 PO4 H . 10.76 -2.40 -12.19
O4 PO4 H . 12.93 -3.69 -12.17
PB ADP I . -16.95 -1.40 -2.14
O1B ADP I . -15.79 -0.79 -2.90
O2B ADP I . -17.63 -0.43 -1.20
O3B ADP I . -17.90 -2.18 -3.01
PA ADP I . -16.88 -3.82 -0.53
O1A ADP I . -18.38 -3.65 -0.45
O2A ADP I . -16.33 -5.04 -1.23
O3A ADP I . -16.20 -2.49 -1.18
O5' ADP I . -16.26 -3.85 0.98
C5' ADP I . -16.85 -3.16 2.08
C4' ADP I . -15.84 -2.17 2.66
O4' ADP I . -16.56 -1.18 3.42
C3' ADP I . -14.88 -2.85 3.64
O3' ADP I . -13.53 -2.45 3.36
C2' ADP I . -15.40 -2.39 4.99
O2' ADP I . -14.42 -2.46 6.04
C1' ADP I . -15.96 -0.99 4.69
N9 ADP I . -16.86 -0.46 5.80
C8 ADP I . -17.87 -1.12 6.40
N7 ADP I . -18.44 -0.36 7.38
C5 ADP I . -17.80 0.82 7.45
C6 ADP I . -17.89 2.08 8.27
N6 ADP I . -18.81 2.22 9.25
N1 ADP I . -17.03 3.09 8.02
C2 ADP I . -16.10 2.97 7.04
N3 ADP I . -15.98 1.87 6.26
C4 ADP I . -16.76 0.77 6.40
C1 GOL J . -3.19 9.04 -10.96
O1 GOL J . -2.90 9.18 -9.58
C2 GOL J . -2.23 9.91 -11.71
O2 GOL J . -0.89 9.62 -11.24
C3 GOL J . -2.48 9.71 -13.20
O3 GOL J . -1.41 10.31 -13.91
C13 KUN K . 20.05 -1.73 12.75
C15 KUN K . 19.65 -0.78 13.75
C17 KUN K . 18.15 0.26 12.28
C21 KUN K . 20.26 0.63 17.34
C22 KUN K . 21.43 1.70 17.24
C24 KUN K . 23.68 2.50 16.10
N01 KUN K . 18.23 -3.66 2.92
C02 KUN K . 17.96 -2.89 4.04
N03 KUN K . 18.56 -1.69 4.20
C04 KUN K . 18.28 -0.91 5.35
N05 KUN K . 18.89 0.34 5.45
C06 KUN K . 17.40 -1.36 6.33
C07 KUN K . 17.09 -0.66 7.57
C08 KUN K . 18.04 -0.97 8.83
O09 KUN K . 19.01 -1.69 8.67
N10 KUN K . 17.75 -0.44 10.06
C11 KUN K . 18.43 -0.59 11.23
C12 KUN K . 19.39 -1.60 11.50
F14 KUN K . 20.97 -2.65 12.91
N16 KUN K . 18.74 0.16 13.46
C18 KUN K . 20.26 -0.71 15.16
O19 KUN K . 21.12 -1.56 15.37
N20 KUN K . 19.81 0.30 16.03
C23 KUN K . 22.80 1.26 16.65
O25 KUN K . 23.44 3.66 16.52
O26 KUN K . 24.61 2.28 15.26
C27 KUN K . 19.08 1.34 18.08
O28 KUN K . 19.01 1.19 19.32
O29 KUN K . 18.27 2.05 17.39
C30 KUN K . 16.82 -2.65 6.17
O31 KUN K . 16.05 -3.18 6.97
N32 KUN K . 17.09 -3.38 5.03
P PO4 L . -6.82 -12.31 1.91
O1 PO4 L . -7.72 -11.24 1.27
O2 PO4 L . -5.78 -12.80 0.90
O3 PO4 L . -7.64 -13.42 2.54
O4 PO4 L . -6.02 -11.73 3.01
P PO4 M . 8.21 11.22 4.43
O1 PO4 M . 7.70 12.55 3.83
O2 PO4 M . 9.16 10.45 3.53
O3 PO4 M . 7.15 10.17 4.48
O4 PO4 M . 8.81 11.41 5.81
P PO4 N . 14.16 -12.86 -9.60
O1 PO4 N . 14.94 -12.40 -10.81
O2 PO4 N . 14.24 -11.79 -8.54
O3 PO4 N . 12.70 -13.05 -9.95
O4 PO4 N . 14.74 -14.15 -9.09
C1 GOL O . 0.66 -10.17 10.70
O1 GOL O . 1.20 -8.82 10.82
C2 GOL O . 1.84 -11.11 10.70
O2 GOL O . 2.68 -10.71 11.79
C3 GOL O . 1.46 -12.57 10.86
O3 GOL O . 1.81 -12.93 12.19
#